data_3MVX
#
_entry.id   3MVX
#
_cell.length_a   86.967
_cell.length_b   94.616
_cell.length_c   125.025
_cell.angle_alpha   90.00
_cell.angle_beta   90.00
_cell.angle_gamma   90.00
#
_symmetry.space_group_name_H-M   'P 21 21 21'
#
loop_
_entity.id
_entity.type
_entity.pdbx_description
1 polymer 'Nickel-binding periplasmic protein'
2 non-polymer 'FE (II) ION'
3 non-polymer '2-[2-[carboxymethyl(phenylmethyl)amino]ethyl-[(2-hydroxyphenyl)methyl]amino]ethanoic acid'
4 non-polymer 'ACETATE ION'
5 non-polymer 'SULFATE ION'
6 non-polymer GLYCEROL
7 non-polymer 'CHLORIDE ION'
8 non-polymer (2R,3S)-1,4-DIMERCAPTOBUTANE-2,3-DIOL
9 non-polymer (2S,3S)-1,4-DIMERCAPTOBUTANE-2,3-DIOL
10 water water
#
_entity_poly.entity_id   1
_entity_poly.type   'polypeptide(L)'
_entity_poly.pdbx_seq_one_letter_code
;AAPDEITTAWPVNVGPLNPHLYTPNQMFAQSMVYEPLVKYQADGSVIPWLAKSWTHSEDGKTWTFTLRDDVKFSNGEPFD
AEAAAENFRAVLDNRQRHAWLELANQIVDVKALSKTELQITLKSAYYPFLQELALPRPFRFIAPSQFKNHETMNGIKAPI
GTGPWILQESKLNQYDVFVRNENYWGEKPAIKKITFNVIPDPTTRAVAFETGDIDLLYGNEGLLPLDTFARFSQNPAYHT
QLSQPIETVMLALNTAKAPTNELAVREALNYAVNKKSLIDNALYGTQQVADTLFAPSVPYANLGLKPSQYDPQKAKALLE
KAGWTLPAGKDIREKNGQPLRIELSFIGTDALSKSMAEIIQADMRQIGADVSLIGEEESSIYARQRDGRFGMIFHRTWGA
PYDPHAFLSSMRVPSHADFQAQQGLADKPLIDKEIGEVLATHDETQRQALYRDILTRLHDEAVYLPISYISMMVVSKPEL
GNIPYAPIATEIPFEQIKPVKP
;
_entity_poly.pdbx_strand_id   A,B
#
loop_
_chem_comp.id
_chem_comp.type
_chem_comp.name
_chem_comp.formula
ACT non-polymer 'ACETATE ION' 'C2 H3 O2 -1'
BHZ non-polymer '2-[2-[carboxymethyl(phenylmethyl)amino]ethyl-[(2-hydroxyphenyl)methyl]amino]ethanoic acid' 'C20 H24 N2 O5'
CL non-polymer 'CHLORIDE ION' 'Cl -1'
DTU non-polymer (2R,3S)-1,4-DIMERCAPTOBUTANE-2,3-DIOL 'C4 H10 O2 S2'
DTV non-polymer (2S,3S)-1,4-DIMERCAPTOBUTANE-2,3-DIOL 'C4 H10 O2 S2'
FE2 non-polymer 'FE (II) ION' 'Fe 2'
GOL non-polymer GLYCEROL 'C3 H8 O3'
SO4 non-polymer 'SULFATE ION' 'O4 S -2'
#
# COMPACT_ATOMS: atom_id res chain seq x y z
N PRO A 3 27.22 6.22 13.05
CA PRO A 3 26.64 4.89 13.41
C PRO A 3 25.10 4.99 13.71
N ASP A 4 24.76 5.89 14.63
CA ASP A 4 23.41 6.40 14.80
C ASP A 4 23.36 7.81 14.17
N GLU A 5 24.27 8.09 13.23
CA GLU A 5 24.22 9.32 12.43
C GLU A 5 24.13 8.90 10.99
N ILE A 6 23.22 9.54 10.21
CA ILE A 6 23.17 9.28 8.80
C ILE A 6 23.29 10.55 7.96
N THR A 7 23.78 10.37 6.73
CA THR A 7 23.88 11.41 5.77
C THR A 7 23.00 11.12 4.58
N THR A 8 22.25 12.09 4.11
CA THR A 8 21.34 11.84 2.97
C THR A 8 21.46 13.08 2.12
N ALA A 9 20.54 13.26 1.20
CA ALA A 9 20.57 14.38 0.31
C ALA A 9 19.18 14.85 -0.10
N TRP A 10 19.13 16.10 -0.55
CA TRP A 10 17.90 16.73 -1.01
C TRP A 10 18.29 17.77 -2.09
N PRO A 11 17.42 18.08 -3.07
CA PRO A 11 17.91 18.87 -4.21
C PRO A 11 18.18 20.34 -3.80
N VAL A 12 17.53 20.76 -2.69
CA VAL A 12 17.66 22.13 -2.13
C VAL A 12 17.72 22.05 -0.60
N ASN A 13 18.11 23.17 0.00
CA ASN A 13 17.99 23.31 1.51
C ASN A 13 16.57 23.17 1.94
N VAL A 14 16.44 22.84 3.24
CA VAL A 14 15.10 22.68 3.78
C VAL A 14 14.31 23.94 3.95
N GLY A 15 14.97 25.12 3.89
CA GLY A 15 14.27 26.39 4.02
C GLY A 15 14.28 26.83 5.50
N PRO A 16 13.62 27.96 5.79
CA PRO A 16 13.61 28.53 7.12
C PRO A 16 12.86 27.71 8.16
N LEU A 17 12.00 26.82 7.69
CA LEU A 17 11.11 25.99 8.47
C LEU A 17 10.13 26.83 9.21
N ASN A 18 9.54 27.78 8.46
CA ASN A 18 8.35 28.39 8.95
C ASN A 18 7.21 27.40 8.78
N PRO A 19 6.49 27.00 9.84
CA PRO A 19 5.48 25.93 9.70
C PRO A 19 4.27 26.35 8.86
N HIS A 20 4.13 27.66 8.63
CA HIS A 20 2.91 28.20 8.06
C HIS A 20 3.06 28.72 6.65
N LEU A 21 4.22 28.54 6.06
CA LEU A 21 4.44 29.05 4.72
C LEU A 21 4.96 27.93 3.83
N TYR A 22 5.18 28.28 2.58
CA TYR A 22 5.40 27.35 1.50
C TYR A 22 6.80 27.45 0.95
N THR A 23 7.04 27.15 -0.34
CA THR A 23 8.40 27.20 -0.81
C THR A 23 9.08 28.56 -0.43
N PRO A 24 10.35 28.56 0.02
CA PRO A 24 11.35 27.51 -0.06
C PRO A 24 11.30 26.47 1.05
N ASN A 25 10.37 26.59 2.01
CA ASN A 25 10.26 25.49 3.00
C ASN A 25 9.89 24.19 2.34
N GLN A 26 10.54 23.10 2.77
CA GLN A 26 10.32 21.74 2.22
C GLN A 26 9.40 20.96 3.14
N MET A 27 8.36 20.38 2.53
CA MET A 27 7.26 19.76 3.26
C MET A 27 7.72 18.64 4.18
N PHE A 28 8.76 17.92 3.79
CA PHE A 28 9.18 16.75 4.63
C PHE A 28 9.93 17.28 5.89
N ALA A 29 10.60 18.43 5.80
CA ALA A 29 11.42 18.98 6.89
C ALA A 29 10.49 19.69 7.85
N GLN A 30 9.52 20.47 7.31
CA GLN A 30 8.41 20.94 8.22
C GLN A 30 7.77 19.82 9.08
N SER A 31 7.55 18.66 8.46
CA SER A 31 7.02 17.51 9.16
C SER A 31 7.96 16.85 10.14
N MET A 32 9.25 17.10 10.02
CA MET A 32 10.19 16.53 11.01
C MET A 32 10.13 17.31 12.32
N VAL A 33 9.93 18.64 12.23
CA VAL A 33 10.06 19.58 13.35
C VAL A 33 8.70 19.83 13.99
N TYR A 34 7.67 19.97 13.13
CA TYR A 34 6.33 20.37 13.63
C TYR A 34 5.31 19.24 13.57
N GLU A 35 4.33 19.30 14.49
CA GLU A 35 3.39 18.19 14.62
C GLU A 35 1.94 18.71 14.57
N PRO A 36 1.02 17.82 14.23
CA PRO A 36 -0.42 18.13 14.08
C PRO A 36 -1.19 17.74 15.30
N LEU A 37 -2.42 18.23 15.39
CA LEU A 37 -3.31 17.82 16.48
C LEU A 37 -3.61 16.30 16.42
N VAL A 38 -3.78 15.82 15.19
CA VAL A 38 -4.16 14.40 14.94
C VAL A 38 -3.25 13.90 13.81
N LYS A 39 -2.90 12.59 13.84
CA LYS A 39 -1.90 12.05 12.89
C LYS A 39 -2.52 11.12 11.90
N TYR A 40 -2.20 11.33 10.61
CA TYR A 40 -2.76 10.47 9.55
C TYR A 40 -2.18 9.04 9.63
N GLN A 41 -3.03 8.05 9.34
CA GLN A 41 -2.59 6.65 9.36
C GLN A 41 -2.79 6.07 7.95
N ALA A 42 -2.04 5.02 7.68
CA ALA A 42 -2.09 4.37 6.34
C ALA A 42 -3.49 3.92 5.96
N ASP A 43 -4.33 3.55 6.94
CA ASP A 43 -5.76 3.21 6.65
C ASP A 43 -6.76 4.32 6.34
N GLY A 44 -6.25 5.55 6.36
CA GLY A 44 -7.00 6.70 6.00
C GLY A 44 -7.62 7.37 7.18
N SER A 45 -7.44 6.78 8.37
CA SER A 45 -8.01 7.33 9.63
C SER A 45 -6.93 8.32 10.15
N VAL A 46 -7.27 9.01 11.24
CA VAL A 46 -6.28 9.70 12.03
C VAL A 46 -6.29 9.10 13.41
N ILE A 47 -5.20 9.26 14.12
CA ILE A 47 -5.15 8.91 15.53
C ILE A 47 -4.90 10.22 16.35
N PRO A 48 -5.25 10.20 17.67
CA PRO A 48 -4.80 11.25 18.60
C PRO A 48 -3.29 11.47 18.52
N TRP A 49 -2.92 12.74 18.59
CA TRP A 49 -1.54 13.10 18.58
C TRP A 49 -1.33 14.21 19.63
N LEU A 50 -1.12 15.45 19.24
CA LEU A 50 -1.11 16.50 20.29
C LEU A 50 -2.47 16.69 20.93
N ALA A 51 -3.56 16.39 20.21
CA ALA A 51 -4.89 16.26 20.81
C ALA A 51 -5.03 14.78 21.27
N LYS A 52 -5.37 14.58 22.54
CA LYS A 52 -5.66 13.23 23.04
C LYS A 52 -7.04 12.73 22.66
N SER A 53 -8.02 13.64 22.47
CA SER A 53 -9.38 13.24 22.13
C SER A 53 -10.14 14.40 21.66
N TRP A 54 -11.30 14.17 21.11
CA TRP A 54 -12.15 15.29 20.60
C TRP A 54 -13.61 14.89 20.52
N THR A 55 -14.48 15.90 20.49
CA THR A 55 -15.92 15.72 20.31
C THR A 55 -16.36 16.71 19.28
N HIS A 56 -17.50 16.46 18.68
CA HIS A 56 -18.07 17.42 17.77
C HIS A 56 -19.56 17.55 18.07
N SER A 57 -20.08 18.71 17.73
CA SER A 57 -21.50 18.99 17.86
C SER A 57 -22.36 18.17 16.89
N GLU A 58 -23.67 18.13 17.15
CA GLU A 58 -24.56 17.34 16.29
C GLU A 58 -24.53 17.80 14.85
N ASP A 59 -24.42 19.10 14.65
CA ASP A 59 -24.42 19.64 13.31
C ASP A 59 -23.07 19.49 12.62
N GLY A 60 -22.07 18.96 13.33
CA GLY A 60 -20.75 18.68 12.68
C GLY A 60 -19.89 19.92 12.53
N LYS A 61 -20.31 21.03 13.14
CA LYS A 61 -19.65 22.34 12.84
C LYS A 61 -18.73 22.78 13.99
N THR A 62 -18.98 22.34 15.22
CA THR A 62 -18.18 22.79 16.34
C THR A 62 -17.40 21.60 16.92
N TRP A 63 -16.09 21.70 16.98
CA TRP A 63 -15.22 20.58 17.43
C TRP A 63 -14.48 21.02 18.64
N THR A 64 -14.39 20.19 19.67
CA THR A 64 -13.60 20.53 20.82
C THR A 64 -12.58 19.47 21.08
N PHE A 65 -11.31 19.88 21.10
CA PHE A 65 -10.20 18.92 21.28
C PHE A 65 -9.66 19.05 22.68
N THR A 66 -9.38 17.91 23.32
CA THR A 66 -8.74 17.91 24.60
C THR A 66 -7.28 17.65 24.26
N LEU A 67 -6.38 18.56 24.62
CA LEU A 67 -4.97 18.43 24.27
C LEU A 67 -4.19 17.68 25.37
N ARG A 68 -3.14 17.02 24.92
CA ARG A 68 -2.16 16.53 25.90
C ARG A 68 -1.70 17.64 26.83
N ASP A 69 -1.25 17.25 28.05
CA ASP A 69 -0.76 18.26 28.96
C ASP A 69 0.65 18.10 29.32
N ASP A 70 1.35 17.22 28.62
CA ASP A 70 2.73 16.92 28.94
C ASP A 70 3.73 17.28 27.83
N VAL A 71 3.32 18.11 26.86
CA VAL A 71 4.16 18.32 25.75
C VAL A 71 4.84 19.67 25.87
N LYS A 72 6.16 19.67 25.57
CA LYS A 72 6.89 20.90 25.51
C LYS A 72 7.46 21.09 24.14
N PHE A 73 7.52 22.35 23.75
CA PHE A 73 8.30 22.74 22.58
C PHE A 73 9.77 22.42 22.90
N SER A 74 10.57 22.30 21.84
CA SER A 74 11.99 21.86 22.02
C SER A 74 12.83 22.87 22.85
N ASN A 75 12.31 24.08 23.00
CA ASN A 75 12.98 25.19 23.79
C ASN A 75 12.44 25.20 25.26
N GLY A 76 11.66 24.19 25.61
CA GLY A 76 11.10 24.03 26.97
C GLY A 76 9.79 24.73 27.27
N GLU A 77 9.37 25.63 26.37
CA GLU A 77 8.06 26.28 26.52
C GLU A 77 6.89 25.27 26.36
N PRO A 78 5.80 25.44 27.13
CA PRO A 78 4.67 24.48 27.05
C PRO A 78 3.90 24.58 25.78
N PHE A 79 3.52 23.42 25.29
CA PHE A 79 2.44 23.33 24.29
C PHE A 79 1.13 23.21 25.10
N ASP A 80 0.20 24.12 24.80
CA ASP A 80 -1.14 24.09 25.43
C ASP A 80 -2.13 24.71 24.47
N ALA A 81 -3.39 24.79 24.87
CA ALA A 81 -4.38 25.26 23.94
C ALA A 81 -4.19 26.71 23.54
N GLU A 82 -3.64 27.53 24.44
CA GLU A 82 -3.38 28.91 24.02
C GLU A 82 -2.34 28.96 22.88
N ALA A 83 -1.27 28.19 23.03
CA ALA A 83 -0.29 28.07 21.99
C ALA A 83 -0.92 27.57 20.71
N ALA A 84 -1.80 26.59 20.79
CA ALA A 84 -2.42 26.06 19.55
C ALA A 84 -3.28 27.14 18.92
N ALA A 85 -4.07 27.82 19.75
CA ALA A 85 -4.97 28.88 19.22
C ALA A 85 -4.21 30.02 18.60
N GLU A 86 -3.01 30.35 19.12
CA GLU A 86 -2.25 31.46 18.57
C GLU A 86 -1.71 31.03 17.21
N ASN A 87 -1.35 29.75 17.10
CA ASN A 87 -0.92 29.24 15.77
C ASN A 87 -2.05 29.30 14.74
N PHE A 88 -3.25 28.86 15.10
CA PHE A 88 -4.32 29.02 14.13
C PHE A 88 -4.54 30.47 13.74
N ARG A 89 -4.53 31.40 14.72
CA ARG A 89 -4.68 32.82 14.38
C ARG A 89 -3.54 33.24 13.41
N ALA A 90 -2.31 32.83 13.70
CA ALA A 90 -1.22 33.21 12.81
C ALA A 90 -1.40 32.70 11.37
N VAL A 91 -1.86 31.44 11.25
CA VAL A 91 -2.07 30.91 9.88
C VAL A 91 -3.22 31.69 9.24
N LEU A 92 -4.32 31.93 9.96
CA LEU A 92 -5.50 32.51 9.26
C LEU A 92 -5.38 34.00 9.10
N ASP A 93 -4.42 34.65 9.80
CA ASP A 93 -4.12 36.04 9.54
C ASP A 93 -3.49 36.14 8.13
N ASN A 94 -3.17 35.01 7.51
CA ASN A 94 -2.68 35.00 6.11
C ASN A 94 -3.63 34.10 5.27
N ARG A 95 -4.90 34.14 5.59
CA ARG A 95 -5.89 33.20 5.03
C ARG A 95 -5.84 33.03 3.49
N GLN A 96 -5.68 34.15 2.77
CA GLN A 96 -5.76 34.06 1.31
C GLN A 96 -4.65 33.20 0.75
N ARG A 97 -3.52 33.15 1.44
CA ARG A 97 -2.43 32.25 0.90
C ARG A 97 -2.75 30.75 0.95
N HIS A 98 -3.74 30.38 1.78
CA HIS A 98 -4.06 28.99 1.98
C HIS A 98 -5.32 28.66 1.25
N ALA A 99 -5.72 29.49 0.30
CA ALA A 99 -6.97 29.19 -0.45
C ALA A 99 -7.10 27.82 -1.07
N TRP A 100 -5.97 27.21 -1.45
CA TRP A 100 -5.98 25.86 -2.06
C TRP A 100 -6.54 24.77 -1.10
N LEU A 101 -6.50 25.02 0.20
CA LEU A 101 -6.89 24.06 1.22
C LEU A 101 -8.20 24.49 1.85
N GLU A 102 -9.25 23.76 1.61
CA GLU A 102 -10.57 24.26 1.91
C GLU A 102 -10.79 24.43 3.42
N LEU A 103 -10.07 23.66 4.27
CA LEU A 103 -10.26 23.90 5.71
C LEU A 103 -9.89 25.34 6.02
N ALA A 104 -8.91 25.97 5.31
CA ALA A 104 -8.56 27.37 5.61
C ALA A 104 -9.73 28.35 5.34
N ASN A 105 -10.67 27.92 4.46
CA ASN A 105 -11.82 28.77 4.23
C ASN A 105 -12.96 28.37 5.14
N GLN A 106 -12.94 27.15 5.69
CA GLN A 106 -13.98 26.67 6.58
C GLN A 106 -13.83 27.14 8.03
N ILE A 107 -12.62 27.39 8.50
CA ILE A 107 -12.49 27.73 9.93
C ILE A 107 -13.02 29.14 10.20
N VAL A 108 -14.05 29.21 11.04
CA VAL A 108 -14.71 30.45 11.39
C VAL A 108 -14.07 30.93 12.69
N ASP A 109 -13.69 30.06 13.67
CA ASP A 109 -13.18 30.63 14.91
C ASP A 109 -12.29 29.54 15.52
N VAL A 110 -11.28 29.93 16.25
CA VAL A 110 -10.55 28.95 17.10
C VAL A 110 -10.27 29.60 18.41
N LYS A 111 -10.66 28.97 19.50
CA LYS A 111 -10.32 29.58 20.79
C LYS A 111 -9.92 28.52 21.82
N ALA A 112 -9.02 28.89 22.72
CA ALA A 112 -8.64 28.06 23.86
C ALA A 112 -9.70 28.28 24.93
N LEU A 113 -10.39 27.24 25.29
CA LEU A 113 -11.32 27.34 26.40
C LEU A 113 -10.68 27.18 27.77
N SER A 114 -9.51 26.57 27.79
CA SER A 114 -8.70 26.38 28.99
C SER A 114 -7.32 25.98 28.49
N LYS A 115 -6.43 25.58 29.38
CA LYS A 115 -5.10 25.13 28.93
C LYS A 115 -5.19 23.86 28.11
N THR A 116 -6.26 23.08 28.31
CA THR A 116 -6.34 21.81 27.64
C THR A 116 -7.50 21.69 26.67
N GLU A 117 -8.36 22.69 26.54
CA GLU A 117 -9.51 22.50 25.67
C GLU A 117 -9.46 23.51 24.56
N LEU A 118 -9.49 23.05 23.30
CA LEU A 118 -9.35 23.95 22.15
C LEU A 118 -10.59 23.76 21.27
N GLN A 119 -11.35 24.85 21.02
CA GLN A 119 -12.55 24.74 20.27
C GLN A 119 -12.37 25.34 18.89
N ILE A 120 -12.74 24.55 17.85
CA ILE A 120 -12.67 25.02 16.44
C ILE A 120 -14.07 24.98 15.87
N THR A 121 -14.53 26.11 15.36
CA THR A 121 -15.86 26.20 14.72
C THR A 121 -15.66 26.34 13.22
N LEU A 122 -16.44 25.56 12.47
CA LEU A 122 -16.41 25.59 10.99
C LEU A 122 -17.71 26.20 10.40
N LYS A 123 -17.62 26.67 9.16
CA LYS A 123 -18.78 27.19 8.38
C LYS A 123 -19.76 26.12 8.01
N SER A 124 -19.28 24.89 7.84
CA SER A 124 -20.12 23.80 7.44
C SER A 124 -19.60 22.49 8.03
N ALA A 125 -20.37 21.40 7.97
CA ALA A 125 -19.88 20.04 8.34
C ALA A 125 -18.89 19.50 7.30
N TYR A 126 -17.64 19.97 7.44
CA TYR A 126 -16.59 19.69 6.47
C TYR A 126 -15.98 18.32 6.74
N TYR A 127 -16.31 17.30 5.92
CA TYR A 127 -15.91 15.95 6.29
C TYR A 127 -14.36 15.71 6.40
N PRO A 128 -13.53 16.35 5.54
CA PRO A 128 -12.10 16.06 5.63
C PRO A 128 -11.42 16.82 6.73
N PHE A 129 -12.17 17.45 7.65
CA PHE A 129 -11.55 18.30 8.71
C PHE A 129 -10.29 17.68 9.34
N LEU A 130 -10.42 16.50 9.85
CA LEU A 130 -9.32 15.91 10.61
C LEU A 130 -8.10 15.59 9.73
N GLN A 131 -8.40 15.07 8.58
CA GLN A 131 -7.36 14.80 7.64
CA GLN A 131 -7.40 14.72 7.60
C GLN A 131 -6.81 16.12 7.30
N GLU A 132 -7.56 17.25 7.17
CA GLU A 132 -6.78 18.42 6.79
C GLU A 132 -5.80 18.81 7.89
N LEU A 133 -6.26 18.75 9.14
CA LEU A 133 -5.42 19.10 10.28
C LEU A 133 -4.19 18.27 10.39
N ALA A 134 -4.19 17.06 9.76
CA ALA A 134 -3.02 16.13 9.85
C ALA A 134 -1.95 16.47 8.82
N LEU A 135 -2.24 17.39 7.89
CA LEU A 135 -1.22 17.64 6.79
C LEU A 135 0.04 18.27 7.29
N PRO A 136 1.11 18.16 6.50
CA PRO A 136 2.43 18.71 6.91
C PRO A 136 2.28 20.23 7.20
N ARG A 137 1.43 20.98 6.44
CA ARG A 137 1.30 22.43 6.64
C ARG A 137 -0.07 22.78 6.12
N PRO A 138 -0.68 23.86 6.59
CA PRO A 138 -0.08 24.81 7.52
C PRO A 138 -0.48 24.62 9.01
N PHE A 139 -1.31 23.66 9.35
CA PHE A 139 -1.87 23.65 10.67
C PHE A 139 -1.00 22.87 11.72
N ARG A 140 0.29 23.20 11.77
CA ARG A 140 1.21 22.59 12.73
C ARG A 140 1.39 23.55 13.91
N PHE A 141 2.44 23.40 14.70
CA PHE A 141 2.63 24.35 15.82
C PHE A 141 4.06 24.76 16.14
N ILE A 142 4.33 26.07 15.98
CA ILE A 142 5.64 26.62 16.40
C ILE A 142 5.41 27.35 17.72
N ALA A 143 6.44 27.33 18.58
CA ALA A 143 6.31 28.07 19.86
C ALA A 143 5.99 29.56 19.59
N PRO A 144 4.96 30.08 20.24
CA PRO A 144 4.52 31.45 19.91
C PRO A 144 5.54 32.49 20.28
N SER A 145 6.42 32.16 21.22
CA SER A 145 7.58 33.03 21.43
C SER A 145 8.45 33.32 20.24
N GLN A 146 8.33 32.49 19.21
CA GLN A 146 9.13 32.56 18.02
C GLN A 146 8.38 33.28 16.85
N PHE A 147 7.14 33.72 17.11
CA PHE A 147 6.47 34.63 16.17
C PHE A 147 7.25 35.94 16.07
N LYS A 148 7.10 36.62 14.94
CA LYS A 148 7.71 37.97 14.80
C LYS A 148 6.54 38.95 14.90
N ASN A 149 6.57 39.87 15.91
CA ASN A 149 5.41 40.80 16.13
C ASN A 149 4.05 40.11 16.10
N HIS A 150 4.00 39.01 16.83
CA HIS A 150 2.80 38.22 17.10
C HIS A 150 2.22 37.61 15.81
N GLU A 151 3.04 37.41 14.79
CA GLU A 151 2.59 36.75 13.56
C GLU A 151 3.69 35.90 12.91
N THR A 152 3.31 34.95 12.06
CA THR A 152 4.32 34.11 11.39
C THR A 152 4.35 34.43 9.92
N MET A 153 3.35 35.15 9.39
CA MET A 153 3.31 35.29 7.93
C MET A 153 4.40 36.22 7.37
N ASN A 154 4.99 37.06 8.25
CA ASN A 154 6.10 37.91 7.92
C ASN A 154 7.47 37.31 8.41
N GLY A 155 7.50 36.02 8.78
CA GLY A 155 8.72 35.38 9.18
C GLY A 155 8.64 34.90 10.64
N ILE A 156 9.60 34.00 11.03
CA ILE A 156 9.64 33.53 12.40
C ILE A 156 11.10 33.77 12.90
N LYS A 157 11.31 33.53 14.17
CA LYS A 157 12.60 33.58 14.79
C LYS A 157 13.27 32.22 14.67
N ALA A 158 13.36 31.48 15.76
CA ALA A 158 13.87 30.11 15.65
C ALA A 158 12.74 29.12 15.33
N PRO A 159 13.04 28.09 14.52
CA PRO A 159 11.95 27.16 14.10
C PRO A 159 11.69 26.07 15.15
N ILE A 160 11.07 26.53 16.24
CA ILE A 160 10.90 25.66 17.40
C ILE A 160 9.58 24.90 17.35
N GLY A 161 9.68 23.57 17.19
CA GLY A 161 8.44 22.74 17.17
C GLY A 161 8.41 21.84 18.38
N THR A 162 7.46 20.93 18.39
CA THR A 162 7.33 19.89 19.38
C THR A 162 7.86 18.53 18.91
N GLY A 163 8.19 18.40 17.61
CA GLY A 163 8.46 17.09 16.98
C GLY A 163 9.80 16.46 17.38
N PRO A 164 10.04 15.29 16.83
CA PRO A 164 11.20 14.44 17.21
C PRO A 164 12.52 14.90 16.67
N TRP A 165 12.57 15.93 15.81
CA TRP A 165 13.84 16.45 15.20
C TRP A 165 13.88 17.96 15.42
N ILE A 166 15.09 18.40 15.62
CA ILE A 166 15.38 19.84 15.82
C ILE A 166 16.37 20.21 14.77
N LEU A 167 16.18 21.36 14.10
CA LEU A 167 17.16 21.83 13.07
C LEU A 167 18.36 22.35 13.84
N GLN A 168 19.53 21.76 13.59
CA GLN A 168 20.76 22.15 14.30
C GLN A 168 21.34 23.35 13.61
N GLU A 169 21.57 23.27 12.29
CA GLU A 169 22.09 24.36 11.57
C GLU A 169 21.86 24.18 10.07
N SER A 170 21.89 25.27 9.35
CA SER A 170 21.73 25.18 7.89
C SER A 170 22.77 25.98 7.22
N LYS A 171 23.37 25.45 6.18
CA LYS A 171 24.33 26.25 5.36
C LYS A 171 23.79 26.35 3.95
N LEU A 172 23.38 27.52 3.51
CA LEU A 172 22.78 27.66 2.15
C LEU A 172 23.64 27.09 1.04
N ASN A 173 22.96 26.26 0.22
CA ASN A 173 23.58 25.60 -0.96
C ASN A 173 24.55 24.46 -0.61
N GLN A 174 24.67 24.15 0.70
CA GLN A 174 25.58 23.11 1.17
C GLN A 174 24.86 21.99 1.91
N TYR A 175 24.25 22.26 3.08
CA TYR A 175 23.72 21.13 3.87
C TYR A 175 22.79 21.68 4.95
N ASP A 176 21.91 20.82 5.44
CA ASP A 176 21.13 21.11 6.66
C ASP A 176 21.39 19.95 7.63
N VAL A 177 21.48 20.24 8.94
CA VAL A 177 21.77 19.19 9.90
C VAL A 177 20.63 19.21 10.96
N PHE A 178 20.00 18.04 11.20
CA PHE A 178 19.00 17.95 12.25
C PHE A 178 19.54 16.98 13.32
N VAL A 179 19.15 17.19 14.58
CA VAL A 179 19.43 16.19 15.59
C VAL A 179 18.13 15.78 16.26
N ARG A 180 18.14 14.61 16.90
CA ARG A 180 16.90 14.20 17.58
C ARG A 180 16.62 15.07 18.79
N ASN A 181 15.33 15.33 19.03
CA ASN A 181 14.85 16.11 20.23
C ASN A 181 14.92 15.14 21.47
N GLU A 182 15.90 15.44 22.31
CA GLU A 182 16.08 14.59 23.52
C GLU A 182 14.97 14.79 24.55
N ASN A 183 14.09 15.78 24.32
CA ASN A 183 13.02 16.05 25.26
C ASN A 183 11.70 15.91 24.54
N TYR A 184 11.68 15.01 23.54
CA TYR A 184 10.41 14.77 22.84
C TYR A 184 9.35 14.02 23.72
N TRP A 185 8.06 14.37 23.60
CA TRP A 185 7.00 13.76 24.42
C TRP A 185 6.72 12.31 24.05
N GLY A 186 7.03 11.92 22.81
CA GLY A 186 6.76 10.53 22.35
C GLY A 186 8.01 9.68 22.34
N GLU A 187 8.03 8.75 21.39
CA GLU A 187 9.12 7.80 21.32
C GLU A 187 10.42 8.46 20.81
N LYS A 188 11.55 8.14 21.37
CA LYS A 188 12.80 8.65 20.91
C LYS A 188 13.27 7.97 19.60
N PRO A 189 13.65 8.75 18.60
CA PRO A 189 14.19 8.12 17.40
C PRO A 189 15.48 7.39 17.77
N ALA A 190 15.75 6.31 17.03
CA ALA A 190 17.08 5.62 17.16
C ALA A 190 18.22 6.46 16.61
N ILE A 191 17.97 7.18 15.51
CA ILE A 191 18.99 7.99 14.88
C ILE A 191 19.13 9.32 15.61
N LYS A 192 20.38 9.74 15.80
CA LYS A 192 20.62 10.92 16.65
C LYS A 192 20.89 12.16 15.79
N LYS A 193 21.43 11.98 14.59
CA LYS A 193 21.79 13.12 13.75
C LYS A 193 21.67 12.80 12.28
N ILE A 194 20.94 13.67 11.56
CA ILE A 194 20.78 13.50 10.09
C ILE A 194 21.34 14.71 9.36
N THR A 195 22.28 14.45 8.42
CA THR A 195 22.77 15.56 7.61
C THR A 195 22.17 15.44 6.22
N PHE A 196 21.62 16.54 5.69
CA PHE A 196 21.16 16.61 4.33
C PHE A 196 22.17 17.36 3.47
N ASN A 197 22.80 16.65 2.53
CA ASN A 197 23.67 17.35 1.55
C ASN A 197 22.84 17.89 0.41
N VAL A 198 23.05 19.15 0.03
CA VAL A 198 22.23 19.75 -1.00
C VAL A 198 22.81 19.34 -2.37
N ILE A 199 22.11 18.48 -3.14
CA ILE A 199 22.69 17.98 -4.38
C ILE A 199 21.53 17.98 -5.40
N PRO A 200 21.40 19.03 -6.27
CA PRO A 200 20.25 19.18 -7.13
C PRO A 200 20.16 18.20 -8.29
N ASP A 201 21.30 17.65 -8.71
CA ASP A 201 21.26 16.86 -9.95
C ASP A 201 21.13 15.37 -9.61
N PRO A 202 20.26 14.67 -10.32
CA PRO A 202 20.04 13.25 -10.00
C PRO A 202 21.27 12.40 -10.19
N THR A 203 22.00 12.58 -11.28
CA THR A 203 23.22 11.83 -11.47
C THR A 203 24.23 12.08 -10.34
N THR A 204 24.40 13.35 -9.97
CA THR A 204 25.33 13.67 -8.89
C THR A 204 24.90 13.04 -7.55
N ARG A 205 23.58 12.94 -7.30
CA ARG A 205 23.08 12.14 -6.14
C ARG A 205 23.48 10.65 -6.21
N ALA A 206 23.32 10.05 -7.41
CA ALA A 206 23.77 8.62 -7.51
C ALA A 206 25.28 8.50 -7.29
N VAL A 207 26.05 9.43 -7.87
CA VAL A 207 27.54 9.40 -7.64
C VAL A 207 27.92 9.55 -6.17
N ALA A 208 27.22 10.47 -5.48
CA ALA A 208 27.43 10.66 -4.03
C ALA A 208 27.14 9.40 -3.24
N PHE A 209 26.15 8.61 -3.69
CA PHE A 209 25.93 7.34 -3.01
C PHE A 209 27.01 6.31 -3.35
N GLU A 210 27.40 6.23 -4.62
CA GLU A 210 28.42 5.22 -5.01
C GLU A 210 29.74 5.43 -4.30
N THR A 211 30.10 6.69 -4.09
CA THR A 211 31.39 7.02 -3.49
C THR A 211 31.34 6.83 -1.95
N GLY A 212 30.16 6.62 -1.41
CA GLY A 212 29.91 6.55 0.04
C GLY A 212 29.78 7.87 0.77
N ASP A 213 29.66 8.97 0.04
CA ASP A 213 29.51 10.32 0.61
C ASP A 213 28.15 10.41 1.32
N ILE A 214 27.16 9.61 0.88
CA ILE A 214 25.85 9.61 1.53
C ILE A 214 25.36 8.20 1.80
N ASP A 215 24.45 8.00 2.77
CA ASP A 215 24.10 6.68 3.33
C ASP A 215 22.72 6.31 2.77
N LEU A 216 21.98 7.35 2.30
CA LEU A 216 20.54 7.14 2.05
C LEU A 216 20.04 8.11 0.99
N LEU A 217 19.30 7.60 0.02
CA LEU A 217 18.51 8.44 -0.88
C LEU A 217 17.05 7.96 -0.79
N TYR A 218 16.14 8.91 -0.73
CA TYR A 218 14.69 8.58 -0.52
C TYR A 218 13.92 9.61 -1.32
N GLY A 219 13.05 9.18 -2.22
CA GLY A 219 12.34 10.21 -3.03
C GLY A 219 11.46 9.51 -4.07
N ASN A 220 10.87 10.30 -4.98
CA ASN A 220 9.98 9.77 -5.98
C ASN A 220 10.77 9.36 -7.22
N GLU A 221 10.10 9.27 -8.36
CA GLU A 221 10.74 8.74 -9.56
C GLU A 221 11.87 9.61 -10.07
N GLY A 222 12.00 10.82 -9.54
CA GLY A 222 13.07 11.76 -9.88
C GLY A 222 14.30 11.59 -8.99
N LEU A 223 14.29 10.61 -8.11
CA LEU A 223 15.39 10.53 -7.08
C LEU A 223 16.77 10.37 -7.68
N LEU A 224 16.92 9.44 -8.62
CA LEU A 224 18.25 9.26 -9.32
C LEU A 224 17.89 8.67 -10.65
N PRO A 225 18.86 8.57 -11.56
CA PRO A 225 18.51 8.02 -12.89
C PRO A 225 18.02 6.58 -12.75
N LEU A 226 16.94 6.25 -13.47
CA LEU A 226 16.32 4.98 -13.20
C LEU A 226 17.06 3.76 -13.73
N ASP A 227 17.86 3.94 -14.77
CA ASP A 227 18.76 2.89 -15.23
C ASP A 227 19.76 2.56 -14.13
N THR A 228 20.29 3.60 -13.48
CA THR A 228 21.21 3.44 -12.36
C THR A 228 20.53 2.77 -11.16
N PHE A 229 19.34 3.22 -10.86
CA PHE A 229 18.60 2.53 -9.80
C PHE A 229 18.45 1.00 -10.07
N ALA A 230 18.11 0.65 -11.31
CA ALA A 230 17.98 -0.78 -11.62
C ALA A 230 19.28 -1.49 -11.45
N ARG A 231 20.36 -0.86 -11.86
CA ARG A 231 21.65 -1.47 -11.63
C ARG A 231 21.98 -1.64 -10.15
N PHE A 232 21.72 -0.61 -9.37
CA PHE A 232 21.92 -0.69 -7.94
C PHE A 232 21.10 -1.78 -7.28
N SER A 233 19.93 -2.10 -7.80
CA SER A 233 19.07 -3.13 -7.18
C SER A 233 19.64 -4.50 -7.35
N GLN A 234 20.66 -4.66 -8.25
CA GLN A 234 21.30 -5.94 -8.49
C GLN A 234 22.65 -5.98 -7.80
N ASN A 235 23.09 -4.84 -7.27
CA ASN A 235 24.45 -4.72 -6.65
C ASN A 235 24.41 -5.18 -5.22
N PRO A 236 25.16 -6.25 -4.90
CA PRO A 236 24.90 -6.77 -3.54
C PRO A 236 25.51 -5.89 -2.41
N ALA A 237 26.35 -4.92 -2.77
CA ALA A 237 26.86 -3.95 -1.82
C ALA A 237 25.82 -2.88 -1.41
N TYR A 238 24.70 -2.82 -2.12
CA TYR A 238 23.74 -1.76 -1.84
C TYR A 238 22.42 -2.39 -1.40
N HIS A 239 21.50 -1.52 -0.98
CA HIS A 239 20.11 -1.92 -0.72
C HIS A 239 19.23 -0.94 -1.51
N THR A 240 18.20 -1.55 -2.15
CA THR A 240 17.20 -0.63 -2.84
C THR A 240 15.78 -1.08 -2.49
N GLN A 241 14.86 -0.16 -2.69
CA GLN A 241 13.41 -0.49 -2.46
C GLN A 241 12.62 0.34 -3.46
N LEU A 242 11.47 -0.19 -3.79
CA LEU A 242 10.53 0.55 -4.64
C LEU A 242 9.14 0.29 -4.06
N SER A 243 8.40 1.30 -3.70
CA SER A 243 7.18 1.17 -2.89
C SER A 243 6.09 0.76 -3.89
N GLN A 244 4.91 0.52 -3.33
CA GLN A 244 3.67 0.47 -4.13
C GLN A 244 3.29 1.89 -4.55
N PRO A 245 2.58 2.00 -5.68
CA PRO A 245 2.40 3.42 -6.19
C PRO A 245 1.75 4.37 -5.19
N ILE A 246 2.18 5.66 -5.26
CA ILE A 246 1.63 6.67 -4.33
C ILE A 246 0.78 7.73 -5.01
N GLU A 247 0.92 7.91 -6.33
CA GLU A 247 0.16 9.04 -6.95
C GLU A 247 0.27 8.92 -8.45
N THR A 248 -0.48 9.73 -9.17
CA THR A 248 -0.51 9.63 -10.65
C THR A 248 0.34 10.74 -11.26
N VAL A 249 1.03 10.43 -12.35
CA VAL A 249 1.62 11.44 -13.29
C VAL A 249 0.80 11.43 -14.60
N MET A 250 0.42 12.62 -15.01
CA MET A 250 -0.50 12.71 -16.19
C MET A 250 -0.23 13.96 -16.92
N LEU A 251 -0.73 14.04 -18.15
CA LEU A 251 -0.80 15.37 -18.78
C LEU A 251 -2.15 16.00 -18.48
N ALA A 252 -2.17 17.34 -18.38
CA ALA A 252 -3.45 18.07 -18.34
C ALA A 252 -3.61 18.68 -19.71
N LEU A 253 -4.78 18.48 -20.33
CA LEU A 253 -5.06 19.00 -21.68
C LEU A 253 -5.95 20.22 -21.60
N ASN A 254 -5.65 21.31 -22.34
CA ASN A 254 -6.39 22.55 -22.17
C ASN A 254 -7.68 22.55 -22.96
N THR A 255 -8.78 22.34 -22.27
CA THR A 255 -10.12 22.41 -22.92
C THR A 255 -10.53 23.76 -23.40
N ALA A 256 -9.77 24.78 -23.03
CA ALA A 256 -10.13 26.16 -23.40
C ALA A 256 -9.24 26.74 -24.51
N LYS A 257 -8.41 25.91 -25.13
CA LYS A 257 -7.45 26.39 -26.13
C LYS A 257 -7.49 25.45 -27.35
N ALA A 258 -7.59 26.03 -28.57
CA ALA A 258 -7.55 25.15 -29.75
C ALA A 258 -6.18 24.49 -29.86
N PRO A 259 -6.12 23.23 -30.28
CA PRO A 259 -7.22 22.36 -30.70
C PRO A 259 -7.60 21.42 -29.65
N THR A 260 -6.99 21.55 -28.43
CA THR A 260 -7.38 20.65 -27.33
C THR A 260 -8.75 21.03 -26.79
N ASN A 261 -9.39 22.09 -27.31
CA ASN A 261 -10.72 22.43 -26.85
C ASN A 261 -11.73 21.43 -27.42
N GLU A 262 -11.34 20.63 -28.44
CA GLU A 262 -12.25 19.64 -29.02
C GLU A 262 -12.18 18.30 -28.31
N LEU A 263 -13.35 17.85 -27.82
CA LEU A 263 -13.39 16.51 -27.23
C LEU A 263 -12.78 15.43 -28.10
N ALA A 264 -13.01 15.47 -29.43
CA ALA A 264 -12.52 14.38 -30.24
C ALA A 264 -11.00 14.39 -30.27
N VAL A 265 -10.40 15.58 -30.26
CA VAL A 265 -8.94 15.67 -30.23
C VAL A 265 -8.44 15.08 -28.90
N ARG A 266 -9.06 15.46 -27.78
CA ARG A 266 -8.57 14.93 -26.51
C ARG A 266 -8.73 13.41 -26.40
N GLU A 267 -9.84 12.88 -26.94
CA GLU A 267 -10.04 11.44 -26.91
C GLU A 267 -8.98 10.77 -27.77
N ALA A 268 -8.70 11.34 -28.95
CA ALA A 268 -7.69 10.74 -29.79
C ALA A 268 -6.33 10.72 -29.12
N LEU A 269 -5.95 11.83 -28.52
CA LEU A 269 -4.68 11.87 -27.80
C LEU A 269 -4.59 10.76 -26.75
N ASN A 270 -5.65 10.55 -26.04
CA ASN A 270 -5.72 9.48 -25.03
C ASN A 270 -5.67 8.06 -25.57
N TYR A 271 -5.79 7.86 -26.90
CA TYR A 271 -5.46 6.55 -27.48
C TYR A 271 -4.09 6.50 -28.18
N ALA A 272 -3.35 7.61 -28.21
CA ALA A 272 -2.18 7.73 -29.06
C ALA A 272 -0.94 7.24 -28.36
N VAL A 273 -0.96 7.28 -27.03
CA VAL A 273 0.32 6.98 -26.33
C VAL A 273 0.41 5.53 -25.86
N ASN A 274 1.52 4.83 -26.19
CA ASN A 274 1.66 3.45 -25.65
C ASN A 274 2.37 3.63 -24.30
N LYS A 275 1.60 3.53 -23.21
CA LYS A 275 2.16 3.99 -21.94
C LYS A 275 3.15 2.92 -21.40
N LYS A 276 2.88 1.68 -21.71
CA LYS A 276 3.74 0.65 -21.21
C LYS A 276 5.12 0.86 -21.89
N SER A 277 5.10 1.12 -23.18
CA SER A 277 6.37 1.45 -23.89
C SER A 277 7.08 2.66 -23.37
N LEU A 278 6.28 3.66 -23.03
CA LEU A 278 6.84 4.90 -22.50
C LEU A 278 7.55 4.57 -21.21
N ILE A 279 6.90 3.77 -20.33
CA ILE A 279 7.51 3.47 -19.03
C ILE A 279 8.77 2.58 -19.19
N ASP A 280 8.69 1.63 -20.11
CA ASP A 280 9.90 0.75 -20.33
C ASP A 280 11.07 1.51 -21.03
N ASN A 281 10.75 2.53 -21.80
CA ASN A 281 11.71 3.26 -22.63
C ASN A 281 12.35 4.40 -21.80
N ALA A 282 11.49 5.19 -21.10
CA ALA A 282 11.97 6.44 -20.42
C ALA A 282 12.09 6.23 -18.92
N LEU A 283 11.38 5.22 -18.35
CA LEU A 283 11.33 5.07 -16.87
C LEU A 283 11.92 3.76 -16.47
N TYR A 284 12.60 3.10 -17.45
CA TYR A 284 13.32 1.91 -17.17
C TYR A 284 12.48 0.78 -16.64
N GLY A 285 11.19 0.80 -17.04
CA GLY A 285 10.31 -0.24 -16.58
C GLY A 285 9.95 -0.24 -15.13
N THR A 286 10.15 0.88 -14.41
CA THR A 286 10.05 0.86 -13.00
C THR A 286 8.74 1.29 -12.42
N GLN A 287 7.85 1.77 -13.29
CA GLN A 287 6.60 2.36 -12.80
C GLN A 287 5.35 1.67 -13.35
N GLN A 288 4.11 2.00 -13.02
CA GLN A 288 2.89 1.23 -13.51
CA GLN A 288 2.92 1.31 -13.49
C GLN A 288 2.14 2.16 -14.48
N VAL A 289 1.54 1.51 -15.45
CA VAL A 289 0.65 2.22 -16.36
C VAL A 289 -0.59 2.83 -15.66
N ALA A 290 -0.92 4.10 -15.97
CA ALA A 290 -2.16 4.71 -15.43
C ALA A 290 -3.17 4.91 -16.56
N ASP A 291 -4.42 4.57 -16.25
N ASP A 291 -4.47 4.67 -16.35
CA ASP A 291 -5.50 4.68 -17.23
CA ASP A 291 -5.47 4.91 -17.39
C ASP A 291 -6.47 5.80 -16.86
C ASP A 291 -6.62 5.76 -16.86
N THR A 292 -6.53 6.13 -15.58
CA THR A 292 -7.53 6.89 -14.84
C THR A 292 -6.85 7.89 -13.92
N LEU A 293 -7.37 9.12 -13.87
CA LEU A 293 -6.76 10.20 -13.02
C LEU A 293 -6.31 9.67 -11.67
N PHE A 294 -7.19 8.90 -11.00
CA PHE A 294 -6.79 8.18 -9.80
C PHE A 294 -6.83 6.69 -10.02
N ALA A 295 -5.85 5.99 -9.46
CA ALA A 295 -5.82 4.53 -9.54
C ALA A 295 -7.05 3.99 -8.81
N PRO A 296 -7.52 2.83 -9.27
CA PRO A 296 -8.73 2.23 -8.66
C PRO A 296 -8.58 1.93 -7.22
N SER A 297 -7.36 1.86 -6.66
CA SER A 297 -7.19 1.70 -5.23
C SER A 297 -7.38 2.95 -4.37
N VAL A 298 -7.57 4.12 -5.01
CA VAL A 298 -7.76 5.36 -4.26
C VAL A 298 -9.14 5.41 -3.69
N PRO A 299 -9.29 5.96 -2.50
CA PRO A 299 -10.70 6.08 -1.97
C PRO A 299 -11.67 6.74 -2.89
N TYR A 300 -12.87 6.14 -3.00
CA TYR A 300 -13.97 6.71 -3.79
C TYR A 300 -13.77 6.61 -5.29
N ALA A 301 -12.66 6.01 -5.75
CA ALA A 301 -12.33 6.06 -7.18
C ALA A 301 -12.35 4.72 -7.88
N ASN A 302 -12.90 3.69 -7.22
CA ASN A 302 -13.07 2.41 -7.95
C ASN A 302 -14.42 2.44 -8.65
N LEU A 303 -14.42 2.93 -9.88
CA LEU A 303 -15.64 3.31 -10.56
C LEU A 303 -15.85 2.57 -11.86
N GLY A 304 -14.94 1.67 -12.18
CA GLY A 304 -15.10 0.91 -13.47
C GLY A 304 -15.00 1.81 -14.67
N LEU A 305 -14.31 2.96 -14.56
CA LEU A 305 -14.06 3.78 -15.73
C LEU A 305 -13.32 3.01 -16.84
N LYS A 306 -13.70 3.31 -18.08
CA LYS A 306 -13.17 2.54 -19.20
C LYS A 306 -11.82 3.12 -19.70
N PRO A 307 -10.77 2.33 -19.67
CA PRO A 307 -9.42 2.78 -20.11
C PRO A 307 -9.48 3.04 -21.62
N SER A 308 -8.73 4.03 -22.10
CA SER A 308 -8.46 4.18 -23.50
C SER A 308 -7.10 3.53 -23.73
N GLN A 309 -7.13 2.29 -24.20
CA GLN A 309 -5.88 1.51 -24.42
C GLN A 309 -5.13 2.08 -25.64
N TYR A 310 -3.84 1.85 -25.76
CA TYR A 310 -3.13 2.33 -26.93
C TYR A 310 -3.74 1.76 -28.23
N ASP A 311 -4.21 2.60 -29.13
CA ASP A 311 -4.85 2.11 -30.34
C ASP A 311 -4.81 3.20 -31.39
N PRO A 312 -3.66 3.33 -32.04
CA PRO A 312 -3.45 4.44 -32.94
C PRO A 312 -4.47 4.42 -34.10
N GLN A 313 -4.94 3.23 -34.45
CA GLN A 313 -5.98 3.21 -35.50
C GLN A 313 -7.26 3.96 -35.05
N LYS A 314 -7.67 3.73 -33.80
CA LYS A 314 -8.79 4.45 -33.26
C LYS A 314 -8.52 5.96 -33.18
N ALA A 315 -7.29 6.34 -32.73
CA ALA A 315 -6.99 7.79 -32.62
C ALA A 315 -7.18 8.46 -33.97
N LYS A 316 -6.65 7.81 -35.00
CA LYS A 316 -6.73 8.41 -36.33
C LYS A 316 -8.18 8.52 -36.77
N ALA A 317 -8.93 7.46 -36.54
CA ALA A 317 -10.40 7.47 -36.90
C ALA A 317 -11.15 8.58 -36.24
N LEU A 318 -10.89 8.78 -34.93
CA LEU A 318 -11.54 9.86 -34.26
C LEU A 318 -11.20 11.25 -34.87
N LEU A 319 -9.92 11.46 -35.19
CA LEU A 319 -9.45 12.71 -35.77
C LEU A 319 -10.14 12.89 -37.17
N GLU A 320 -10.12 11.84 -37.98
CA GLU A 320 -10.68 11.91 -39.34
C GLU A 320 -12.15 12.27 -39.28
N LYS A 321 -12.89 11.62 -38.36
CA LYS A 321 -14.34 11.90 -38.24
C LYS A 321 -14.60 13.35 -37.80
N ALA A 322 -13.66 13.93 -37.05
CA ALA A 322 -13.77 15.27 -36.59
C ALA A 322 -13.31 16.31 -37.60
N GLY A 323 -12.93 15.85 -38.78
CA GLY A 323 -12.49 16.76 -39.81
C GLY A 323 -11.02 17.10 -39.85
N TRP A 324 -10.22 16.36 -39.05
CA TRP A 324 -8.79 16.57 -39.06
C TRP A 324 -8.17 15.53 -39.99
N THR A 325 -7.95 15.93 -41.26
CA THR A 325 -7.42 14.99 -42.23
C THR A 325 -6.09 15.44 -42.78
N LEU A 326 -5.40 14.52 -43.43
CA LEU A 326 -3.99 14.72 -43.88
C LEU A 326 -3.93 15.34 -45.26
N PRO A 327 -3.35 16.56 -45.37
CA PRO A 327 -3.09 17.25 -46.63
C PRO A 327 -2.25 16.38 -47.50
N ALA A 328 -2.49 16.49 -48.83
CA ALA A 328 -1.62 15.79 -49.76
C ALA A 328 -0.13 16.01 -49.45
N GLY A 329 0.61 14.92 -49.26
CA GLY A 329 2.06 15.01 -49.04
C GLY A 329 2.53 15.45 -47.66
N LYS A 330 1.61 15.55 -46.69
CA LYS A 330 2.00 16.02 -45.35
C LYS A 330 1.58 15.00 -44.28
N ASP A 331 2.38 14.92 -43.21
CA ASP A 331 2.11 14.00 -42.11
C ASP A 331 1.29 14.61 -40.95
N ILE A 332 1.04 15.92 -40.95
CA ILE A 332 0.32 16.59 -39.89
C ILE A 332 -1.02 16.95 -40.41
N ARG A 333 -2.05 16.55 -39.66
CA ARG A 333 -3.43 16.89 -40.05
C ARG A 333 -3.77 18.37 -40.03
N GLU A 334 -4.83 18.71 -40.79
CA GLU A 334 -5.30 20.10 -40.86
C GLU A 334 -6.84 20.05 -40.88
N LYS A 335 -7.48 21.11 -40.36
CA LYS A 335 -8.96 21.29 -40.30
C LYS A 335 -9.23 22.80 -40.40
N ASN A 336 -10.18 23.18 -41.25
CA ASN A 336 -10.48 24.64 -41.49
C ASN A 336 -9.19 25.43 -41.77
N GLY A 337 -8.26 24.88 -42.57
CA GLY A 337 -6.98 25.53 -42.83
C GLY A 337 -5.86 25.35 -41.78
N GLN A 338 -6.23 25.15 -40.50
CA GLN A 338 -5.32 25.07 -39.32
C GLN A 338 -4.62 23.68 -39.12
N PRO A 339 -3.30 23.65 -38.85
CA PRO A 339 -2.60 22.36 -38.52
C PRO A 339 -2.99 21.90 -37.16
N LEU A 340 -2.89 20.60 -36.96
CA LEU A 340 -3.22 20.02 -35.62
C LEU A 340 -1.93 20.14 -34.84
N ARG A 341 -1.74 21.32 -34.28
CA ARG A 341 -0.47 21.59 -33.56
C ARG A 341 -0.83 21.85 -32.10
N ILE A 342 -0.03 21.27 -31.21
CA ILE A 342 -0.29 21.40 -29.75
C ILE A 342 1.03 21.60 -29.02
N GLU A 343 1.06 22.57 -28.14
CA GLU A 343 2.32 22.84 -27.41
C GLU A 343 2.33 22.04 -26.10
N LEU A 344 3.44 21.36 -25.82
CA LEU A 344 3.56 20.60 -24.57
C LEU A 344 4.67 21.28 -23.77
N SER A 345 4.32 21.80 -22.60
CA SER A 345 5.29 22.55 -21.77
C SER A 345 5.72 21.75 -20.58
N PHE A 346 7.02 21.88 -20.29
CA PHE A 346 7.59 21.10 -19.21
C PHE A 346 8.85 21.84 -18.78
N ILE A 347 9.42 21.38 -17.66
CA ILE A 347 10.64 22.03 -17.16
C ILE A 347 11.86 21.52 -17.94
N GLY A 348 12.52 22.40 -18.70
CA GLY A 348 13.53 22.09 -19.72
C GLY A 348 14.77 21.40 -19.17
N THR A 349 15.05 21.65 -17.93
CA THR A 349 16.24 21.04 -17.36
C THR A 349 15.99 19.66 -16.77
N ASP A 350 14.73 19.21 -16.73
CA ASP A 350 14.39 17.95 -16.07
C ASP A 350 14.49 16.89 -17.17
N ALA A 351 15.58 16.12 -17.19
CA ALA A 351 15.85 15.18 -18.27
C ALA A 351 14.75 14.13 -18.44
N LEU A 352 14.19 13.73 -17.32
CA LEU A 352 13.20 12.70 -17.36
C LEU A 352 11.93 13.23 -17.97
N SER A 353 11.51 14.44 -17.55
CA SER A 353 10.41 15.15 -18.25
C SER A 353 10.65 15.33 -19.74
N LYS A 354 11.88 15.70 -20.10
CA LYS A 354 12.17 15.90 -21.50
C LYS A 354 12.04 14.64 -22.26
N SER A 355 12.53 13.57 -21.64
CA SER A 355 12.58 12.20 -22.16
CA SER A 355 12.56 12.25 -22.27
C SER A 355 11.26 11.76 -22.33
N MET A 356 10.39 12.08 -21.39
CA MET A 356 8.99 11.72 -21.49
C MET A 356 8.29 12.48 -22.61
N ALA A 357 8.50 13.79 -22.64
CA ALA A 357 7.90 14.63 -23.67
C ALA A 357 8.20 14.21 -25.11
N GLU A 358 9.44 13.78 -25.29
CA GLU A 358 9.90 13.34 -26.62
C GLU A 358 9.16 12.07 -27.04
N ILE A 359 8.99 11.14 -26.12
CA ILE A 359 8.11 9.96 -26.46
C ILE A 359 6.72 10.42 -26.87
N ILE A 360 6.11 11.30 -26.08
CA ILE A 360 4.71 11.70 -26.30
C ILE A 360 4.66 12.39 -27.66
N GLN A 361 5.61 13.28 -27.93
CA GLN A 361 5.65 13.91 -29.24
C GLN A 361 5.75 12.91 -30.40
N ALA A 362 6.58 11.89 -30.24
CA ALA A 362 6.77 10.90 -31.33
C ALA A 362 5.50 10.09 -31.50
N ASP A 363 4.88 9.67 -30.40
CA ASP A 363 3.65 8.88 -30.47
C ASP A 363 2.54 9.66 -31.14
N MET A 364 2.45 10.95 -30.83
CA MET A 364 1.38 11.74 -31.43
CA MET A 364 1.61 11.98 -31.30
C MET A 364 1.72 12.23 -32.84
N ARG A 365 2.94 12.25 -33.36
CA ARG A 365 3.15 12.44 -34.79
C ARG A 365 2.67 11.24 -35.59
N GLN A 366 2.72 10.06 -34.98
CA GLN A 366 2.29 8.83 -35.63
C GLN A 366 0.81 8.85 -35.91
N ILE A 367 0.06 9.69 -35.22
CA ILE A 367 -1.38 9.86 -35.50
C ILE A 367 -1.70 11.23 -36.13
N GLY A 368 -0.66 11.93 -36.56
CA GLY A 368 -0.78 13.18 -37.28
C GLY A 368 -1.01 14.45 -36.52
N ALA A 369 -0.65 14.43 -35.21
CA ALA A 369 -0.62 15.62 -34.36
C ALA A 369 0.85 16.07 -34.23
N ASP A 370 1.04 17.38 -34.41
CA ASP A 370 2.36 17.99 -34.26
C ASP A 370 2.43 18.63 -32.91
N VAL A 371 3.15 17.94 -32.01
CA VAL A 371 3.38 18.42 -30.66
C VAL A 371 4.67 19.15 -30.71
N SER A 372 4.65 20.38 -30.20
CA SER A 372 5.86 21.19 -30.11
C SER A 372 6.30 21.26 -28.66
N LEU A 373 7.57 20.93 -28.41
CA LEU A 373 8.09 20.88 -27.05
C LEU A 373 8.55 22.27 -26.59
N ILE A 374 8.01 22.72 -25.45
CA ILE A 374 8.39 24.03 -24.93
C ILE A 374 8.97 23.75 -23.54
N GLY A 375 10.29 23.64 -23.46
CA GLY A 375 11.03 23.31 -22.24
C GLY A 375 11.54 24.68 -21.69
N GLU A 376 11.05 24.98 -20.49
CA GLU A 376 11.34 26.31 -19.91
C GLU A 376 11.75 26.14 -18.47
N GLU A 377 12.28 27.24 -17.89
CA GLU A 377 12.65 27.14 -16.51
C GLU A 377 11.41 27.03 -15.60
N GLU A 378 11.60 26.50 -14.39
CA GLU A 378 10.49 26.21 -13.47
C GLU A 378 9.50 27.35 -13.33
N SER A 379 10.00 28.55 -13.04
CA SER A 379 9.10 29.61 -12.81
C SER A 379 8.14 29.87 -13.98
N SER A 380 8.65 29.72 -15.19
CA SER A 380 7.85 29.97 -16.37
C SER A 380 6.77 28.91 -16.54
N ILE A 381 7.09 27.70 -16.15
CA ILE A 381 6.13 26.57 -16.34
C ILE A 381 5.06 26.79 -15.28
N TYR A 382 5.47 27.22 -14.07
CA TYR A 382 4.45 27.44 -13.01
C TYR A 382 3.56 28.58 -13.40
N ALA A 383 4.11 29.58 -14.08
CA ALA A 383 3.24 30.70 -14.54
C ALA A 383 2.24 30.23 -15.58
N ARG A 384 2.70 29.34 -16.48
CA ARG A 384 1.80 28.80 -17.52
C ARG A 384 0.66 27.98 -16.83
N GLN A 385 1.00 27.19 -15.82
CA GLN A 385 -0.05 26.40 -15.10
C GLN A 385 -1.12 27.37 -14.55
N ARG A 386 -0.67 28.48 -13.97
CA ARG A 386 -1.54 29.38 -13.21
C ARG A 386 -2.43 30.13 -14.17
N ASP A 387 -1.95 30.41 -15.37
CA ASP A 387 -2.78 31.29 -16.24
CA ASP A 387 -2.74 31.24 -16.25
C ASP A 387 -3.25 30.61 -17.52
N GLY A 388 -3.14 29.31 -17.60
CA GLY A 388 -3.74 28.57 -18.73
C GLY A 388 -2.98 28.74 -20.07
N ARG A 389 -1.74 29.23 -20.01
CA ARG A 389 -0.91 29.31 -21.20
C ARG A 389 -0.21 27.97 -21.52
N PHE A 390 -1.00 26.96 -21.88
CA PHE A 390 -0.45 25.65 -22.29
C PHE A 390 -1.48 24.92 -23.14
N GLY A 391 -1.02 24.00 -23.97
CA GLY A 391 -1.87 23.09 -24.73
C GLY A 391 -1.96 21.84 -23.89
N MET A 392 -0.78 21.30 -23.58
CA MET A 392 -0.69 20.13 -22.62
C MET A 392 0.43 20.44 -21.68
N ILE A 393 0.30 20.03 -20.42
CA ILE A 393 1.39 20.25 -19.47
C ILE A 393 1.50 19.01 -18.63
N PHE A 394 2.70 18.66 -18.18
CA PHE A 394 2.83 17.59 -17.21
C PHE A 394 2.29 18.01 -15.85
N HIS A 395 1.68 17.04 -15.20
CA HIS A 395 1.06 17.32 -13.88
C HIS A 395 1.08 16.04 -13.09
N ARG A 396 0.66 16.12 -11.80
CA ARG A 396 0.60 14.89 -11.00
C ARG A 396 -0.35 15.14 -9.86
N THR A 397 -0.88 14.05 -9.33
CA THR A 397 -1.74 14.15 -8.11
C THR A 397 -0.82 14.16 -6.89
N TRP A 398 -1.44 14.25 -5.72
CA TRP A 398 -0.71 14.65 -4.52
C TRP A 398 -0.44 13.54 -3.51
N GLY A 399 -0.94 12.34 -3.78
CA GLY A 399 -0.70 11.23 -2.83
C GLY A 399 -1.60 11.33 -1.59
N ALA A 400 -1.54 10.27 -0.76
CA ALA A 400 -2.35 10.33 0.50
C ALA A 400 -1.74 11.41 1.42
N PRO A 401 -2.58 12.08 2.23
CA PRO A 401 -4.02 11.92 2.34
C PRO A 401 -4.77 12.96 1.44
N TYR A 402 -4.06 13.54 0.49
CA TYR A 402 -4.69 14.55 -0.39
C TYR A 402 -5.57 13.97 -1.49
N ASP A 403 -5.27 12.74 -1.92
CA ASP A 403 -5.99 12.16 -3.08
C ASP A 403 -7.16 11.32 -2.53
N PRO A 404 -8.39 11.52 -3.00
CA PRO A 404 -8.78 12.48 -4.02
C PRO A 404 -9.29 13.84 -3.50
N HIS A 405 -9.67 13.92 -2.22
CA HIS A 405 -10.55 15.02 -1.81
C HIS A 405 -9.82 16.39 -2.02
N ALA A 406 -8.53 16.48 -1.60
CA ALA A 406 -7.90 17.80 -1.61
C ALA A 406 -7.49 18.17 -3.02
N PHE A 407 -7.08 17.16 -3.78
CA PHE A 407 -6.75 17.39 -5.21
C PHE A 407 -8.02 17.89 -5.95
N LEU A 408 -9.16 17.26 -5.74
CA LEU A 408 -10.37 17.76 -6.33
C LEU A 408 -10.77 19.15 -5.79
N SER A 409 -10.69 19.34 -4.48
CA SER A 409 -11.05 20.63 -3.93
C SER A 409 -10.35 21.73 -4.73
N SER A 410 -9.07 21.49 -4.99
CA SER A 410 -8.20 22.50 -5.60
C SER A 410 -8.57 22.85 -7.03
N MET A 411 -9.30 21.96 -7.69
CA MET A 411 -9.66 22.18 -9.07
C MET A 411 -10.51 23.44 -9.20
N ARG A 412 -11.03 23.92 -8.07
CA ARG A 412 -11.86 25.12 -8.10
C ARG A 412 -11.06 26.38 -8.02
N VAL A 413 -9.77 26.25 -7.71
CA VAL A 413 -8.94 27.48 -7.49
C VAL A 413 -8.43 27.98 -8.84
N PRO A 414 -8.72 29.22 -9.26
CA PRO A 414 -8.43 29.58 -10.65
C PRO A 414 -6.97 29.63 -10.98
N SER A 415 -6.12 29.85 -10.02
CA SER A 415 -4.65 29.93 -10.27
C SER A 415 -3.95 28.56 -10.23
N HIS A 416 -4.70 27.48 -10.51
CA HIS A 416 -4.14 26.13 -10.45
C HIS A 416 -4.29 25.56 -11.87
N ALA A 417 -3.38 24.64 -12.23
CA ALA A 417 -3.44 24.08 -13.60
C ALA A 417 -4.75 23.37 -13.90
N ASP A 418 -5.30 22.69 -12.88
CA ASP A 418 -6.51 21.88 -13.18
C ASP A 418 -7.73 22.75 -13.50
N PHE A 419 -7.90 23.91 -12.81
CA PHE A 419 -9.00 24.77 -13.15
C PHE A 419 -8.79 25.26 -14.54
N GLN A 420 -7.56 25.67 -14.83
CA GLN A 420 -7.27 26.16 -16.19
C GLN A 420 -7.50 25.14 -17.27
N ALA A 421 -7.10 23.89 -17.05
CA ALA A 421 -7.33 22.87 -18.05
C ALA A 421 -8.79 22.62 -18.26
N GLN A 422 -9.59 22.80 -17.20
CA GLN A 422 -11.00 22.44 -17.25
C GLN A 422 -11.89 23.65 -17.68
N GLN A 423 -11.27 24.81 -17.89
CA GLN A 423 -12.04 26.06 -17.97
C GLN A 423 -12.98 26.03 -19.14
N GLY A 424 -12.63 25.31 -20.19
CA GLY A 424 -13.42 25.25 -21.41
C GLY A 424 -14.63 24.30 -21.35
N LEU A 425 -14.87 23.60 -20.24
CA LEU A 425 -15.93 22.58 -20.25
C LEU A 425 -17.26 23.25 -19.98
N ALA A 426 -18.30 22.83 -20.71
CA ALA A 426 -19.62 23.37 -20.45
C ALA A 426 -20.04 23.05 -19.04
N ASP A 427 -19.61 21.90 -18.54
CA ASP A 427 -20.03 21.47 -17.20
CA ASP A 427 -20.05 21.50 -17.23
C ASP A 427 -19.04 21.90 -16.14
N LYS A 428 -18.11 22.80 -16.39
CA LYS A 428 -17.16 23.24 -15.32
C LYS A 428 -17.89 23.78 -14.08
N PRO A 429 -18.90 24.62 -14.27
CA PRO A 429 -19.60 25.13 -13.02
C PRO A 429 -20.30 24.06 -12.24
N LEU A 430 -20.91 23.09 -12.92
CA LEU A 430 -21.55 21.98 -12.22
C LEU A 430 -20.50 21.13 -11.45
N ILE A 431 -19.36 20.89 -12.11
CA ILE A 431 -18.27 20.11 -11.43
C ILE A 431 -17.82 20.86 -10.19
N ASP A 432 -17.61 22.17 -10.31
CA ASP A 432 -17.13 22.91 -9.13
C ASP A 432 -18.19 22.94 -8.04
N LYS A 433 -19.46 23.02 -8.42
CA LYS A 433 -20.51 23.02 -7.39
C LYS A 433 -20.50 21.66 -6.70
N GLU A 434 -20.39 20.59 -7.49
CA GLU A 434 -20.38 19.23 -6.94
C GLU A 434 -19.18 18.97 -6.04
N ILE A 435 -18.05 19.57 -6.39
CA ILE A 435 -16.81 19.39 -5.55
C ILE A 435 -17.11 20.09 -4.20
N GLY A 436 -17.71 21.32 -4.21
CA GLY A 436 -18.08 21.89 -2.88
C GLY A 436 -19.05 21.03 -2.09
N GLU A 437 -19.99 20.43 -2.82
CA GLU A 437 -21.00 19.60 -2.12
C GLU A 437 -20.38 18.37 -1.52
N VAL A 438 -19.49 17.74 -2.30
CA VAL A 438 -18.99 16.45 -1.80
C VAL A 438 -18.21 16.60 -0.49
N LEU A 439 -17.54 17.74 -0.34
CA LEU A 439 -16.74 17.97 0.86
C LEU A 439 -17.54 18.19 2.14
N ALA A 440 -18.81 18.49 1.95
CA ALA A 440 -19.63 18.77 3.13
C ALA A 440 -20.76 17.75 3.26
N THR A 441 -20.65 16.60 2.60
CA THR A 441 -21.70 15.61 2.69
C THR A 441 -21.50 14.78 3.92
N HIS A 442 -22.54 14.63 4.66
CA HIS A 442 -22.61 13.71 5.76
C HIS A 442 -23.18 12.34 5.28
N ASP A 443 -23.92 12.35 4.20
CA ASP A 443 -24.63 11.21 3.70
C ASP A 443 -23.57 10.45 2.86
N GLU A 444 -23.22 9.22 3.29
CA GLU A 444 -22.14 8.43 2.69
C GLU A 444 -22.56 8.09 1.25
N THR A 445 -23.85 7.87 0.97
CA THR A 445 -24.28 7.49 -0.33
C THR A 445 -24.12 8.66 -1.30
N GLN A 446 -24.57 9.84 -0.83
CA GLN A 446 -24.44 11.04 -1.66
C GLN A 446 -22.93 11.33 -1.91
N ARG A 447 -22.06 11.08 -0.90
CA ARG A 447 -20.63 11.38 -1.06
C ARG A 447 -20.12 10.53 -2.21
N GLN A 448 -20.42 9.23 -2.20
CA GLN A 448 -19.90 8.37 -3.27
C GLN A 448 -20.46 8.75 -4.62
N ALA A 449 -21.76 9.15 -4.65
CA ALA A 449 -22.38 9.47 -5.90
C ALA A 449 -21.78 10.74 -6.52
N LEU A 450 -21.47 11.69 -5.67
CA LEU A 450 -20.84 12.99 -6.15
C LEU A 450 -19.40 12.70 -6.62
N TYR A 451 -18.62 11.92 -5.87
CA TYR A 451 -17.29 11.57 -6.40
C TYR A 451 -17.40 10.79 -7.68
N ARG A 452 -18.35 9.87 -7.80
CA ARG A 452 -18.45 9.18 -9.13
C ARG A 452 -18.77 10.16 -10.23
N ASP A 453 -19.73 11.08 -9.97
CA ASP A 453 -20.10 12.01 -11.07
C ASP A 453 -18.91 12.94 -11.50
N ILE A 454 -18.17 13.44 -10.50
CA ILE A 454 -17.06 14.33 -10.81
C ILE A 454 -16.00 13.58 -11.57
N LEU A 455 -15.59 12.40 -11.07
CA LEU A 455 -14.48 11.73 -11.71
C LEU A 455 -14.89 11.14 -13.03
N THR A 456 -16.19 10.73 -13.16
CA THR A 456 -16.66 10.23 -14.45
C THR A 456 -16.71 11.38 -15.47
N ARG A 457 -17.16 12.55 -15.07
CA ARG A 457 -17.21 13.66 -16.07
C ARG A 457 -15.73 14.00 -16.50
N LEU A 458 -14.82 14.09 -15.52
CA LEU A 458 -13.41 14.38 -15.88
C LEU A 458 -12.82 13.29 -16.83
N HIS A 459 -13.17 12.04 -16.60
CA HIS A 459 -12.70 10.96 -17.45
C HIS A 459 -13.34 10.99 -18.85
N ASP A 460 -14.65 11.06 -18.87
CA ASP A 460 -15.37 11.13 -20.17
C ASP A 460 -15.06 12.35 -20.98
N GLU A 461 -14.72 13.48 -20.36
CA GLU A 461 -14.39 14.71 -21.10
C GLU A 461 -12.89 14.70 -21.49
N ALA A 462 -12.15 13.64 -21.09
CA ALA A 462 -10.74 13.47 -21.50
C ALA A 462 -9.92 14.73 -21.17
N VAL A 463 -10.15 15.25 -19.96
CA VAL A 463 -9.39 16.42 -19.50
C VAL A 463 -7.90 16.06 -19.30
N TYR A 464 -7.65 14.85 -18.80
CA TYR A 464 -6.28 14.40 -18.54
C TYR A 464 -5.82 13.38 -19.55
N LEU A 465 -4.49 13.12 -19.59
CA LEU A 465 -3.94 11.94 -20.30
C LEU A 465 -3.09 11.24 -19.19
N PRO A 466 -3.70 10.27 -18.44
CA PRO A 466 -2.96 9.66 -17.33
C PRO A 466 -1.85 8.85 -17.93
N ILE A 467 -0.64 8.90 -17.31
CA ILE A 467 0.50 8.21 -17.91
C ILE A 467 0.91 7.10 -16.97
N SER A 468 1.16 7.45 -15.70
CA SER A 468 1.76 6.45 -14.82
CA SER A 468 1.59 6.34 -14.86
C SER A 468 1.23 6.53 -13.40
N TYR A 469 1.14 5.47 -12.60
CA TYR A 469 1.19 5.58 -11.16
C TYR A 469 2.60 5.34 -10.66
N ILE A 470 3.18 6.33 -9.99
CA ILE A 470 4.62 6.26 -9.62
C ILE A 470 4.77 5.88 -8.20
N SER A 471 5.99 5.39 -7.89
CA SER A 471 6.33 4.94 -6.55
C SER A 471 7.41 5.75 -5.86
N MET A 472 7.54 5.56 -4.56
CA MET A 472 8.67 6.09 -3.80
C MET A 472 9.79 5.06 -3.85
N MET A 473 11.02 5.53 -3.95
CA MET A 473 12.16 4.63 -4.13
C MET A 473 13.21 5.01 -3.09
N VAL A 474 14.00 4.00 -2.74
CA VAL A 474 15.04 4.17 -1.72
C VAL A 474 16.32 3.50 -2.23
N VAL A 475 17.47 4.14 -1.96
CA VAL A 475 18.76 3.46 -2.13
C VAL A 475 19.46 3.70 -0.78
N SER A 476 20.02 2.65 -0.17
CA SER A 476 20.61 2.84 1.13
C SER A 476 21.79 1.89 1.39
N LYS A 477 22.70 2.36 2.25
CA LYS A 477 23.69 1.40 2.78
C LYS A 477 22.96 0.26 3.51
N PRO A 478 23.40 -1.00 3.28
CA PRO A 478 22.70 -2.14 3.91
C PRO A 478 22.59 -2.05 5.41
N GLU A 479 23.60 -1.43 6.08
CA GLU A 479 23.54 -1.34 7.54
C GLU A 479 22.42 -0.56 8.09
N LEU A 480 21.77 0.28 7.26
CA LEU A 480 20.57 0.95 7.75
C LEU A 480 19.32 0.10 7.85
N GLY A 481 19.36 -1.07 7.20
CA GLY A 481 18.24 -1.99 7.26
C GLY A 481 17.13 -1.63 6.29
N ASN A 482 15.96 -2.24 6.56
CA ASN A 482 14.74 -1.88 5.82
C ASN A 482 14.32 -0.46 6.12
N ILE A 483 13.99 0.31 5.07
CA ILE A 483 13.60 1.70 5.28
C ILE A 483 12.08 1.85 5.16
N PRO A 484 11.40 2.30 6.23
CA PRO A 484 9.92 2.40 6.15
C PRO A 484 9.45 3.55 5.31
N TYR A 485 8.17 3.45 4.88
CA TYR A 485 7.47 4.53 4.23
C TYR A 485 6.49 5.19 5.19
N ALA A 486 6.30 6.49 4.99
CA ALA A 486 5.25 7.16 5.80
C ALA A 486 3.85 7.11 5.20
N PRO A 487 2.82 7.20 6.02
CA PRO A 487 1.45 7.22 5.51
C PRO A 487 1.24 8.45 4.60
N ILE A 488 1.84 9.59 4.95
CA ILE A 488 1.64 10.83 4.12
C ILE A 488 2.80 10.81 3.09
N ALA A 489 2.41 10.82 1.83
CA ALA A 489 3.40 10.58 0.69
C ALA A 489 4.54 11.60 0.65
N THR A 490 4.32 12.79 1.20
CA THR A 490 5.37 13.83 1.23
C THR A 490 6.28 13.79 2.47
N GLU A 491 5.96 12.89 3.40
CA GLU A 491 6.79 12.79 4.65
C GLU A 491 7.82 11.67 4.49
N ILE A 492 8.91 11.79 5.25
CA ILE A 492 9.97 10.78 5.30
C ILE A 492 10.06 10.36 6.76
N PRO A 493 9.86 9.06 7.03
CA PRO A 493 9.70 8.64 8.42
C PRO A 493 11.06 8.34 9.11
N PHE A 494 11.90 9.35 9.20
CA PHE A 494 13.28 9.11 9.76
C PHE A 494 13.23 8.54 11.18
N GLU A 495 12.18 8.89 11.91
CA GLU A 495 12.10 8.46 13.35
CA GLU A 495 12.13 8.43 13.27
C GLU A 495 11.87 6.94 13.43
N GLN A 496 11.56 6.36 12.28
CA GLN A 496 11.24 4.91 12.28
C GLN A 496 12.40 4.06 11.80
N ILE A 497 13.55 4.69 11.43
CA ILE A 497 14.70 3.94 10.94
C ILE A 497 15.48 3.40 12.15
N LYS A 498 15.81 2.12 12.15
CA LYS A 498 16.55 1.59 13.28
C LYS A 498 17.80 0.83 12.86
N PRO A 499 18.86 1.53 12.44
CA PRO A 499 20.10 0.77 12.19
C PRO A 499 20.52 -0.08 13.43
N PRO B 3 -29.32 0.56 13.09
CA PRO B 3 -28.44 0.67 11.94
C PRO B 3 -26.97 0.54 12.33
N ASP B 4 -26.69 0.25 13.57
CA ASP B 4 -25.32 0.04 13.96
C ASP B 4 -25.04 -1.44 14.14
N GLU B 5 -25.74 -2.25 13.43
CA GLU B 5 -25.39 -3.65 13.17
C GLU B 5 -25.27 -3.92 11.68
N ILE B 6 -24.37 -4.84 11.31
CA ILE B 6 -24.16 -5.18 9.92
C ILE B 6 -24.14 -6.69 9.75
N THR B 7 -24.41 -7.09 8.53
CA THR B 7 -24.40 -8.51 8.22
C THR B 7 -23.37 -8.67 7.08
N THR B 8 -22.55 -9.70 7.20
CA THR B 8 -21.55 -9.98 6.14
C THR B 8 -21.52 -11.50 5.89
N ALA B 9 -20.53 -12.02 5.15
CA ALA B 9 -20.47 -13.41 4.87
C ALA B 9 -19.06 -13.93 4.96
N TRP B 10 -18.97 -15.23 5.15
CA TRP B 10 -17.71 -15.95 5.09
C TRP B 10 -18.01 -17.41 4.62
N PRO B 11 -17.03 -18.10 4.00
CA PRO B 11 -17.41 -19.41 3.36
C PRO B 11 -17.64 -20.53 4.35
N VAL B 12 -17.19 -20.29 5.59
CA VAL B 12 -17.32 -21.33 6.66
C VAL B 12 -17.64 -20.61 7.97
N ASN B 13 -18.07 -21.36 8.98
CA ASN B 13 -18.21 -20.77 10.31
C ASN B 13 -16.83 -20.36 10.83
N VAL B 14 -16.86 -19.51 11.84
CA VAL B 14 -15.63 -19.02 12.46
C VAL B 14 -14.85 -20.05 13.28
N GLY B 15 -15.53 -21.12 13.68
CA GLY B 15 -14.88 -22.17 14.51
C GLY B 15 -15.10 -21.86 16.00
N PRO B 16 -14.48 -22.65 16.87
CA PRO B 16 -14.70 -22.41 18.31
C PRO B 16 -13.94 -21.24 18.89
N LEU B 17 -13.03 -20.68 18.10
CA LEU B 17 -12.17 -19.53 18.53
C LEU B 17 -11.29 -19.94 19.70
N ASN B 18 -10.65 -21.11 19.56
CA ASN B 18 -9.42 -21.36 20.38
C ASN B 18 -8.32 -20.51 19.87
N PRO B 19 -7.75 -19.59 20.70
CA PRO B 19 -6.74 -18.67 20.18
C PRO B 19 -5.46 -19.38 19.78
N HIS B 20 -5.30 -20.63 20.24
CA HIS B 20 -4.00 -21.30 20.12
C HIS B 20 -4.00 -22.41 19.10
N LEU B 21 -5.08 -22.56 18.37
CA LEU B 21 -5.14 -23.69 17.39
C LEU B 21 -5.54 -23.13 16.04
N TYR B 22 -5.59 -24.04 15.09
CA TYR B 22 -5.65 -23.66 13.70
C TYR B 22 -6.99 -24.03 13.06
N THR B 23 -7.01 -24.46 11.80
CA THR B 23 -8.38 -24.74 11.20
C THR B 23 -9.07 -25.79 12.14
N PRO B 24 -10.36 -25.68 12.39
CA PRO B 24 -11.30 -24.82 11.75
C PRO B 24 -11.43 -23.39 12.25
N ASN B 25 -10.59 -22.95 13.18
CA ASN B 25 -10.71 -21.54 13.60
C ASN B 25 -10.25 -20.67 12.45
N GLN B 26 -10.99 -19.58 12.21
CA GLN B 26 -10.65 -18.65 11.16
C GLN B 26 -9.86 -17.46 11.77
N MET B 27 -8.72 -17.16 11.15
CA MET B 27 -7.79 -16.17 11.62
C MET B 27 -8.42 -14.80 11.79
N PHE B 28 -9.37 -14.42 10.95
CA PHE B 28 -9.87 -13.07 11.10
C PHE B 28 -10.76 -12.94 12.35
N ALA B 29 -11.37 -14.05 12.70
CA ALA B 29 -12.29 -14.11 13.84
C ALA B 29 -11.52 -14.21 15.15
N GLN B 30 -10.44 -15.00 15.14
CA GLN B 30 -9.53 -15.04 16.31
C GLN B 30 -9.02 -13.62 16.52
N SER B 31 -8.70 -12.90 15.44
CA SER B 31 -8.25 -11.52 15.60
C SER B 31 -9.31 -10.52 16.14
N MET B 32 -10.56 -10.84 15.94
CA MET B 32 -11.63 -9.97 16.44
C MET B 32 -11.75 -10.08 17.98
N VAL B 33 -11.52 -11.28 18.53
CA VAL B 33 -11.70 -11.56 19.95
C VAL B 33 -10.41 -11.46 20.82
N TYR B 34 -9.29 -11.79 20.21
CA TYR B 34 -8.04 -11.88 20.94
C TYR B 34 -7.02 -10.88 20.46
N GLU B 35 -6.15 -10.51 21.37
CA GLU B 35 -5.25 -9.38 21.16
C GLU B 35 -3.84 -9.77 21.47
N PRO B 36 -2.88 -9.11 20.80
CA PRO B 36 -1.48 -9.33 21.05
C PRO B 36 -0.84 -8.38 22.03
N LEU B 37 0.38 -8.71 22.43
CA LEU B 37 1.19 -7.81 23.30
C LEU B 37 1.55 -6.49 22.52
N VAL B 38 1.83 -6.62 21.20
CA VAL B 38 2.22 -5.44 20.37
C VAL B 38 1.45 -5.58 19.06
N LYS B 39 1.17 -4.49 18.38
CA LYS B 39 0.23 -4.51 17.30
C LYS B 39 0.95 -4.10 16.01
N TYR B 40 0.71 -4.85 14.93
CA TYR B 40 1.43 -4.62 13.69
C TYR B 40 0.89 -3.38 12.99
N GLN B 41 1.80 -2.58 12.38
CA GLN B 41 1.40 -1.32 11.68
C GLN B 41 1.78 -1.45 10.20
N ALA B 42 1.07 -0.70 9.35
CA ALA B 42 1.32 -0.77 7.88
C ALA B 42 2.75 -0.48 7.45
N ASP B 43 3.52 0.34 8.18
CA ASP B 43 4.91 0.57 7.84
C ASP B 43 5.88 -0.54 8.24
N GLY B 44 5.38 -1.62 8.87
CA GLY B 44 6.25 -2.72 9.25
C GLY B 44 6.69 -2.72 10.70
N SER B 45 6.38 -1.64 11.39
CA SER B 45 6.74 -1.57 12.78
C SER B 45 5.65 -2.26 13.61
N VAL B 46 5.91 -2.35 14.91
CA VAL B 46 4.74 -2.60 15.84
C VAL B 46 4.55 -1.45 16.83
N ILE B 47 3.35 -1.31 17.40
CA ILE B 47 3.13 -0.30 18.48
C ILE B 47 2.79 -1.08 19.77
N PRO B 48 3.02 -0.43 20.92
CA PRO B 48 2.51 -0.98 22.20
C PRO B 48 1.04 -1.34 22.07
N TRP B 49 0.65 -2.44 22.68
CA TRP B 49 -0.75 -2.83 22.68
C TRP B 49 -1.13 -3.30 24.10
N LEU B 50 -1.30 -4.61 24.29
CA LEU B 50 -1.45 -5.17 25.62
C LEU B 50 -0.25 -4.74 26.46
N ALA B 51 0.94 -4.89 25.90
CA ALA B 51 2.16 -4.42 26.55
C ALA B 51 2.34 -2.93 26.29
N LYS B 52 2.49 -2.14 27.37
CA LYS B 52 2.64 -0.71 27.24
C LYS B 52 4.09 -0.31 26.85
N SER B 53 5.07 -1.08 27.29
CA SER B 53 6.49 -0.79 26.99
C SER B 53 7.32 -2.04 27.16
N TRP B 54 8.58 -2.01 26.71
CA TRP B 54 9.45 -3.14 26.85
C TRP B 54 10.90 -2.72 26.81
N THR B 55 11.74 -3.60 27.32
CA THR B 55 13.19 -3.49 27.35
C THR B 55 13.75 -4.85 26.92
N HIS B 56 14.99 -4.89 26.41
CA HIS B 56 15.63 -6.14 26.03
C HIS B 56 17.07 -6.11 26.50
N SER B 57 17.62 -7.27 26.80
CA SER B 57 18.98 -7.34 27.27
C SER B 57 19.91 -7.02 26.09
N GLU B 58 21.18 -6.70 26.34
CA GLU B 58 22.02 -6.33 25.22
C GLU B 58 22.31 -7.53 24.27
N ASP B 59 22.33 -8.77 24.74
CA ASP B 59 22.46 -9.85 23.74
C ASP B 59 21.16 -10.13 22.94
N GLY B 60 20.09 -9.37 23.23
CA GLY B 60 18.78 -9.47 22.56
C GLY B 60 17.99 -10.75 22.80
N LYS B 61 18.28 -11.41 23.92
CA LYS B 61 17.76 -12.74 24.18
C LYS B 61 16.68 -12.66 25.26
N THR B 62 16.74 -11.64 26.10
CA THR B 62 15.82 -11.50 27.23
C THR B 62 15.02 -10.21 27.12
N TRP B 63 13.69 -10.34 27.08
CA TRP B 63 12.83 -9.18 26.92
C TRP B 63 11.87 -9.06 28.06
N THR B 64 11.67 -7.85 28.55
CA THR B 64 10.69 -7.76 29.64
C THR B 64 9.69 -6.70 29.37
N PHE B 65 8.44 -7.16 29.29
CA PHE B 65 7.37 -6.31 28.89
C PHE B 65 6.62 -5.75 30.12
N THR B 66 6.33 -4.46 30.11
CA THR B 66 5.41 -3.86 31.08
C THR B 66 4.02 -3.81 30.49
N LEU B 67 3.08 -4.52 31.11
CA LEU B 67 1.74 -4.66 30.59
C LEU B 67 0.85 -3.55 31.05
N ARG B 68 -0.13 -3.20 30.23
CA ARG B 68 -1.17 -2.35 30.66
C ARG B 68 -1.81 -2.93 31.91
N ASP B 69 -2.34 -2.02 32.74
CA ASP B 69 -2.97 -2.46 34.03
C ASP B 69 -4.48 -2.24 34.04
N ASP B 70 -5.06 -1.77 32.94
CA ASP B 70 -6.46 -1.47 32.92
C ASP B 70 -7.27 -2.36 31.98
N VAL B 71 -6.73 -3.51 31.60
CA VAL B 71 -7.42 -4.34 30.60
C VAL B 71 -8.20 -5.46 31.23
N LYS B 72 -9.47 -5.58 30.86
CA LYS B 72 -10.21 -6.78 31.27
C LYS B 72 -10.52 -7.71 30.11
N PHE B 73 -10.50 -9.03 30.39
CA PHE B 73 -11.19 -9.99 29.51
C PHE B 73 -12.66 -9.65 29.49
N SER B 74 -13.38 -10.12 28.47
CA SER B 74 -14.75 -9.62 28.22
C SER B 74 -15.70 -10.11 29.31
N ASN B 75 -15.31 -11.13 30.09
CA ASN B 75 -16.12 -11.55 31.27
C ASN B 75 -15.80 -10.74 32.54
N GLY B 76 -15.02 -9.66 32.43
CA GLY B 76 -14.63 -8.86 33.61
C GLY B 76 -13.36 -9.25 34.32
N GLU B 77 -12.80 -10.44 34.07
CA GLU B 77 -11.60 -10.88 34.75
C GLU B 77 -10.35 -10.10 34.25
N PRO B 78 -9.37 -9.89 35.16
CA PRO B 78 -8.20 -9.08 34.82
C PRO B 78 -7.23 -9.77 33.84
N PHE B 79 -6.73 -8.98 32.90
CA PHE B 79 -5.57 -9.42 32.14
C PHE B 79 -4.34 -8.92 32.87
N ASP B 80 -3.45 -9.83 33.21
CA ASP B 80 -2.24 -9.50 33.90
C ASP B 80 -1.12 -10.40 33.51
N ALA B 81 0.05 -10.16 34.07
CA ALA B 81 1.20 -10.91 33.61
C ALA B 81 1.05 -12.40 33.86
N GLU B 82 0.33 -12.76 34.94
CA GLU B 82 0.14 -14.17 35.20
C GLU B 82 -0.73 -14.75 34.09
N ALA B 83 -1.78 -14.03 33.71
CA ALA B 83 -2.68 -14.57 32.66
C ALA B 83 -1.88 -14.72 31.37
N ALA B 84 -1.09 -13.69 31.05
CA ALA B 84 -0.24 -13.80 29.84
C ALA B 84 0.73 -15.00 29.88
N ALA B 85 1.40 -15.22 31.01
CA ALA B 85 2.28 -16.33 31.14
C ALA B 85 1.64 -17.68 31.01
N GLU B 86 0.42 -17.77 31.49
CA GLU B 86 -0.30 -19.01 31.42
C GLU B 86 -0.64 -19.32 29.97
N ASN B 87 -0.94 -18.27 29.22
CA ASN B 87 -1.24 -18.45 27.76
C ASN B 87 0.01 -18.89 27.03
N PHE B 88 1.18 -18.29 27.30
CA PHE B 88 2.41 -18.81 26.67
C PHE B 88 2.66 -20.24 27.02
N ARG B 89 2.48 -20.57 28.31
CA ARG B 89 2.63 -21.97 28.68
C ARG B 89 1.73 -22.92 27.89
N ALA B 90 0.43 -22.54 27.79
CA ALA B 90 -0.54 -23.36 27.08
C ALA B 90 -0.13 -23.58 25.63
N VAL B 91 0.28 -22.47 24.99
CA VAL B 91 0.76 -22.58 23.57
C VAL B 91 1.98 -23.54 23.47
N LEU B 92 2.98 -23.29 24.29
CA LEU B 92 4.24 -24.05 24.13
C LEU B 92 4.20 -25.44 24.71
N ASP B 93 3.13 -25.80 25.45
CA ASP B 93 2.83 -27.24 25.75
C ASP B 93 2.51 -28.04 24.48
N ASN B 94 2.18 -27.33 23.40
CA ASN B 94 1.92 -27.93 22.10
C ASN B 94 2.91 -27.32 21.10
N ARG B 95 4.15 -27.18 21.48
CA ARG B 95 5.11 -26.44 20.68
C ARG B 95 5.26 -26.96 19.25
N GLN B 96 5.32 -28.26 19.07
CA GLN B 96 5.55 -28.86 17.73
C GLN B 96 4.47 -28.46 16.74
N ARG B 97 3.22 -28.25 17.22
CA ARG B 97 2.18 -27.91 16.27
C ARG B 97 2.45 -26.50 15.66
N HIS B 98 3.28 -25.69 16.34
CA HIS B 98 3.61 -24.32 15.91
C HIS B 98 4.96 -24.24 15.19
N ALA B 99 5.53 -25.39 14.81
CA ALA B 99 6.92 -25.46 14.20
C ALA B 99 7.06 -24.52 12.99
N TRP B 100 5.97 -24.32 12.26
CA TRP B 100 6.02 -23.35 11.11
C TRP B 100 6.50 -21.97 11.54
N LEU B 101 6.29 -21.60 12.82
CA LEU B 101 6.54 -20.25 13.25
C LEU B 101 7.78 -20.27 14.11
N GLU B 102 8.85 -19.58 13.69
CA GLU B 102 10.14 -19.94 14.36
C GLU B 102 10.14 -19.38 15.81
N LEU B 103 9.34 -18.35 16.05
CA LEU B 103 9.27 -17.84 17.43
C LEU B 103 8.93 -18.98 18.38
N ALA B 104 8.07 -19.93 17.97
CA ALA B 104 7.64 -21.00 18.96
C ALA B 104 8.85 -21.87 19.34
N ASN B 105 9.81 -22.01 18.43
CA ASN B 105 11.03 -22.77 18.76
C ASN B 105 12.02 -21.93 19.54
N GLN B 106 11.94 -20.63 19.41
CA GLN B 106 12.88 -19.75 20.06
C GLN B 106 12.64 -19.56 21.57
N ILE B 107 11.37 -19.61 22.00
CA ILE B 107 11.07 -19.25 23.37
C ILE B 107 11.57 -20.32 24.31
N VAL B 108 12.44 -19.89 25.22
CA VAL B 108 13.01 -20.80 26.17
C VAL B 108 12.20 -20.72 27.48
N ASP B 109 11.83 -19.52 27.86
CA ASP B 109 11.17 -19.32 29.13
C ASP B 109 10.24 -18.10 29.10
N VAL B 110 9.10 -18.19 29.82
CA VAL B 110 8.19 -17.06 30.04
C VAL B 110 7.79 -17.08 31.52
N LYS B 111 7.92 -15.94 32.17
CA LYS B 111 7.82 -15.79 33.65
C LYS B 111 7.12 -14.47 33.97
N ALA B 112 6.10 -14.47 34.83
CA ALA B 112 5.48 -13.25 35.34
C ALA B 112 6.33 -12.78 36.53
N LEU B 113 6.94 -11.60 36.42
CA LEU B 113 7.80 -11.06 37.51
C LEU B 113 6.98 -10.33 38.56
N SER B 114 5.84 -9.82 38.14
CA SER B 114 4.97 -9.03 38.95
C SER B 114 3.63 -9.12 38.25
N LYS B 115 2.64 -8.34 38.70
CA LYS B 115 1.31 -8.33 38.09
C LYS B 115 1.44 -7.73 36.68
N THR B 116 2.38 -6.80 36.53
CA THR B 116 2.53 -6.09 35.27
C THR B 116 3.83 -6.38 34.48
N GLU B 117 4.76 -7.19 34.97
CA GLU B 117 5.98 -7.41 34.19
C GLU B 117 6.12 -8.83 33.72
N LEU B 118 6.35 -9.00 32.43
CA LEU B 118 6.39 -10.32 31.83
C LEU B 118 7.69 -10.48 31.14
N GLN B 119 8.42 -11.51 31.52
CA GLN B 119 9.75 -11.70 30.96
C GLN B 119 9.87 -12.87 30.00
N ILE B 120 10.33 -12.60 28.77
CA ILE B 120 10.44 -13.69 27.80
C ILE B 120 11.86 -13.88 27.41
N THR B 121 12.32 -15.13 27.46
CA THR B 121 13.68 -15.47 27.12
C THR B 121 13.77 -16.34 25.85
N LEU B 122 14.69 -15.95 24.98
CA LEU B 122 14.80 -16.61 23.68
C LEU B 122 16.12 -17.42 23.53
N LYS B 123 16.11 -18.47 22.69
CA LYS B 123 17.35 -19.26 22.35
C LYS B 123 18.43 -18.37 21.73
N SER B 124 18.00 -17.43 20.89
CA SER B 124 18.90 -16.56 20.13
C SER B 124 18.24 -15.24 19.88
N ALA B 125 18.99 -14.34 19.23
CA ALA B 125 18.56 -12.95 19.01
C ALA B 125 17.73 -13.04 17.76
N TYR B 126 16.43 -13.11 17.99
CA TYR B 126 15.51 -13.43 16.94
C TYR B 126 14.90 -12.11 16.42
N TYR B 127 15.26 -11.70 15.17
CA TYR B 127 14.89 -10.39 14.71
C TYR B 127 13.39 -10.16 14.54
N PRO B 128 12.63 -11.17 14.03
CA PRO B 128 11.17 -10.88 13.82
C PRO B 128 10.32 -11.12 15.12
N PHE B 129 11.00 -11.27 16.26
CA PHE B 129 10.27 -11.46 17.55
C PHE B 129 8.97 -10.65 17.72
N LEU B 130 9.03 -9.31 17.56
CA LEU B 130 7.87 -8.51 17.84
C LEU B 130 6.80 -8.69 16.77
N GLN B 131 7.27 -8.87 15.52
CA GLN B 131 6.25 -9.01 14.45
C GLN B 131 5.51 -10.35 14.64
N GLU B 132 6.18 -11.34 15.18
CA GLU B 132 5.57 -12.62 15.38
C GLU B 132 4.64 -12.65 16.56
N LEU B 133 4.96 -11.85 17.58
CA LEU B 133 4.01 -11.68 18.72
C LEU B 133 2.75 -10.99 18.21
N ALA B 134 2.86 -10.23 17.10
CA ALA B 134 1.76 -9.42 16.63
C ALA B 134 0.78 -10.25 15.81
N LEU B 135 1.14 -11.50 15.52
CA LEU B 135 0.30 -12.25 14.52
C LEU B 135 -1.06 -12.63 15.13
N PRO B 136 -2.08 -12.91 14.28
CA PRO B 136 -3.38 -13.41 14.72
C PRO B 136 -3.32 -14.60 15.73
N ARG B 137 -2.35 -15.47 15.55
CA ARG B 137 -2.23 -16.71 16.34
C ARG B 137 -0.81 -17.22 16.15
N PRO B 138 -0.24 -17.87 17.17
CA PRO B 138 -0.91 -18.36 18.38
C PRO B 138 -0.70 -17.50 19.61
N PHE B 139 0.04 -16.42 19.57
CA PHE B 139 0.42 -15.73 20.78
C PHE B 139 -0.54 -14.62 21.25
N ARG B 140 -1.84 -14.93 21.29
CA ARG B 140 -2.89 -14.02 21.77
C ARG B 140 -3.21 -14.25 23.24
N PHE B 141 -4.44 -13.97 23.70
CA PHE B 141 -4.70 -14.22 25.16
C PHE B 141 -6.14 -14.48 25.41
N ILE B 142 -6.38 -15.72 25.83
CA ILE B 142 -7.70 -16.10 26.41
C ILE B 142 -7.67 -16.12 27.96
N ALA B 143 -8.80 -15.85 28.57
CA ALA B 143 -8.86 -15.85 30.07
C ALA B 143 -8.47 -17.26 30.54
N PRO B 144 -7.56 -17.31 31.49
CA PRO B 144 -7.15 -18.65 31.94
C PRO B 144 -8.27 -19.50 32.57
N SER B 145 -9.31 -18.85 33.03
CA SER B 145 -10.53 -19.56 33.53
C SER B 145 -11.16 -20.43 32.48
N GLN B 146 -10.84 -20.17 31.21
CA GLN B 146 -11.46 -20.95 30.12
C GLN B 146 -10.54 -22.04 29.53
N PHE B 147 -9.39 -22.25 30.15
CA PHE B 147 -8.57 -23.42 29.87
C PHE B 147 -9.35 -24.67 30.28
N LYS B 148 -9.05 -25.81 29.67
CA LYS B 148 -9.54 -27.13 30.13
C LYS B 148 -8.39 -27.88 30.75
N ASN B 149 -8.52 -28.28 32.02
CA ASN B 149 -7.41 -29.03 32.67
C ASN B 149 -6.05 -28.29 32.49
N HIS B 150 -6.05 -26.97 32.67
CA HIS B 150 -4.86 -26.16 32.62
C HIS B 150 -4.21 -26.12 31.25
N GLU B 151 -4.98 -26.45 30.22
CA GLU B 151 -4.43 -26.47 28.81
C GLU B 151 -5.39 -25.79 27.86
N THR B 152 -4.90 -25.40 26.68
CA THR B 152 -5.83 -25.04 25.58
C THR B 152 -5.65 -25.97 24.38
N MET B 153 -4.59 -26.82 24.37
CA MET B 153 -4.35 -27.68 23.20
C MET B 153 -5.41 -28.73 22.97
N ASN B 154 -6.23 -29.05 24.00
CA ASN B 154 -7.28 -30.06 23.86
C ASN B 154 -8.65 -29.43 23.90
N GLY B 155 -8.68 -28.14 23.66
CA GLY B 155 -9.96 -27.40 23.66
C GLY B 155 -10.06 -26.33 24.77
N ILE B 156 -11.01 -25.41 24.60
CA ILE B 156 -11.25 -24.37 25.60
C ILE B 156 -12.70 -24.43 26.05
N LYS B 157 -13.05 -23.61 27.04
CA LYS B 157 -14.43 -23.49 27.46
C LYS B 157 -15.15 -22.40 26.66
N ALA B 158 -15.21 -21.16 27.13
CA ALA B 158 -15.82 -20.10 26.32
C ALA B 158 -14.66 -19.30 25.67
N PRO B 159 -14.86 -18.75 24.45
CA PRO B 159 -13.74 -18.03 23.78
C PRO B 159 -13.55 -16.55 24.32
N ILE B 160 -13.12 -16.44 25.57
CA ILE B 160 -13.15 -15.15 26.21
C ILE B 160 -11.82 -14.41 26.02
N GLY B 161 -11.85 -13.33 25.24
CA GLY B 161 -10.60 -12.57 25.01
C GLY B 161 -10.71 -11.17 25.58
N THR B 162 -9.76 -10.30 25.22
CA THR B 162 -9.73 -8.91 25.69
C THR B 162 -10.23 -7.99 24.56
N GLY B 163 -10.47 -8.53 23.34
CA GLY B 163 -10.64 -7.69 22.11
C GLY B 163 -12.00 -6.99 22.03
N PRO B 164 -12.21 -6.21 20.99
CA PRO B 164 -13.38 -5.34 20.95
C PRO B 164 -14.65 -6.05 20.54
N TRP B 165 -14.53 -7.34 20.16
CA TRP B 165 -15.69 -8.17 19.77
C TRP B 165 -15.80 -9.44 20.62
N ILE B 166 -17.06 -9.83 20.85
CA ILE B 166 -17.45 -11.02 21.61
C ILE B 166 -18.27 -11.96 20.76
N LEU B 167 -17.87 -13.25 20.72
CA LEU B 167 -18.65 -14.19 19.95
C LEU B 167 -19.89 -14.52 20.75
N GLN B 168 -21.05 -14.24 20.19
CA GLN B 168 -22.27 -14.37 20.98
C GLN B 168 -23.03 -15.66 20.64
N GLU B 169 -23.05 -16.06 19.37
CA GLU B 169 -23.89 -17.21 18.94
C GLU B 169 -23.25 -17.81 17.75
N SER B 170 -23.25 -19.14 17.64
CA SER B 170 -22.76 -19.82 16.43
C SER B 170 -23.73 -20.90 16.08
N LYS B 171 -24.07 -21.00 14.80
CA LYS B 171 -24.95 -22.10 14.29
C LYS B 171 -24.28 -22.75 13.08
N LEU B 172 -23.89 -24.01 13.24
CA LEU B 172 -23.12 -24.70 12.25
C LEU B 172 -23.79 -24.61 10.86
N ASN B 173 -23.01 -24.17 9.88
CA ASN B 173 -23.41 -24.03 8.46
C ASN B 173 -24.47 -22.96 8.24
N GLN B 174 -24.66 -22.11 9.25
CA GLN B 174 -25.70 -21.08 9.22
C GLN B 174 -25.17 -19.67 9.45
N TYR B 175 -24.52 -19.44 10.59
CA TYR B 175 -24.10 -18.04 10.93
C TYR B 175 -23.26 -18.04 12.18
N ASP B 176 -22.49 -16.95 12.33
CA ASP B 176 -21.92 -16.58 13.65
C ASP B 176 -22.22 -15.12 13.93
N VAL B 177 -22.55 -14.83 15.18
CA VAL B 177 -22.90 -13.49 15.59
C VAL B 177 -21.89 -12.96 16.62
N PHE B 178 -21.36 -11.74 16.38
CA PHE B 178 -20.49 -11.10 17.33
C PHE B 178 -21.17 -9.85 17.83
N VAL B 179 -20.90 -9.45 19.06
CA VAL B 179 -21.28 -8.13 19.54
C VAL B 179 -20.12 -7.36 20.09
N ARG B 180 -20.24 -6.03 20.12
CA ARG B 180 -19.18 -5.16 20.60
C ARG B 180 -18.99 -5.33 22.11
N ASN B 181 -17.74 -5.42 22.53
CA ASN B 181 -17.43 -5.59 23.91
C ASN B 181 -17.64 -4.22 24.53
N GLU B 182 -18.66 -4.10 25.39
CA GLU B 182 -18.95 -2.78 25.95
C GLU B 182 -17.91 -2.36 26.98
N ASN B 183 -17.11 -3.32 27.39
CA ASN B 183 -16.07 -3.11 28.40
C ASN B 183 -14.66 -3.19 27.82
N TYR B 184 -14.54 -2.96 26.50
CA TYR B 184 -13.22 -2.94 25.85
C TYR B 184 -12.28 -1.87 26.44
N TRP B 185 -11.01 -2.21 26.66
CA TRP B 185 -10.07 -1.23 27.20
C TRP B 185 -9.75 -0.03 26.27
N GLY B 186 -9.94 -0.17 24.94
CA GLY B 186 -9.59 0.90 24.02
C GLY B 186 -10.83 1.54 23.49
N GLU B 187 -10.75 1.98 22.23
CA GLU B 187 -11.76 2.69 21.51
C GLU B 187 -12.98 1.79 21.29
N LYS B 188 -14.15 2.25 21.66
CA LYS B 188 -15.38 1.54 21.37
C LYS B 188 -15.65 1.48 19.86
N PRO B 189 -15.82 0.27 19.27
CA PRO B 189 -16.29 0.25 17.87
C PRO B 189 -17.58 1.04 17.71
N ALA B 190 -17.81 1.62 16.54
CA ALA B 190 -19.12 2.21 16.25
C ALA B 190 -20.21 1.17 16.00
N ILE B 191 -19.85 0.04 15.37
CA ILE B 191 -20.83 -1.01 15.05
C ILE B 191 -21.07 -1.90 16.31
N LYS B 192 -22.35 -2.19 16.60
CA LYS B 192 -22.74 -2.86 17.84
C LYS B 192 -22.83 -4.41 17.67
N LYS B 193 -23.17 -4.84 16.45
CA LYS B 193 -23.35 -6.26 16.17
C LYS B 193 -22.94 -6.60 14.74
N ILE B 194 -22.25 -7.75 14.58
CA ILE B 194 -21.89 -8.16 13.24
C ILE B 194 -22.35 -9.62 13.09
N THR B 195 -23.11 -9.90 12.07
CA THR B 195 -23.56 -11.28 11.79
C THR B 195 -22.85 -11.80 10.55
N PHE B 196 -22.23 -12.97 10.65
CA PHE B 196 -21.58 -13.57 9.48
C PHE B 196 -22.47 -14.69 8.99
N ASN B 197 -23.02 -14.54 7.76
CA ASN B 197 -23.69 -15.66 7.16
C ASN B 197 -22.73 -16.57 6.49
N VAL B 198 -22.91 -17.88 6.74
CA VAL B 198 -22.07 -18.87 6.09
C VAL B 198 -22.55 -19.09 4.66
N ILE B 199 -21.72 -18.68 3.70
CA ILE B 199 -22.08 -18.71 2.30
C ILE B 199 -20.88 -19.17 1.51
N PRO B 200 -20.76 -20.51 1.22
CA PRO B 200 -19.51 -20.97 0.55
C PRO B 200 -19.32 -20.65 -0.91
N ASP B 201 -20.43 -20.41 -1.64
CA ASP B 201 -20.41 -20.22 -3.11
C ASP B 201 -20.16 -18.72 -3.44
N PRO B 202 -19.16 -18.37 -4.23
CA PRO B 202 -18.92 -16.91 -4.51
C PRO B 202 -20.06 -16.26 -5.28
N THR B 203 -20.79 -17.07 -6.09
CA THR B 203 -21.88 -16.46 -6.81
C THR B 203 -23.02 -16.19 -5.81
N THR B 204 -23.23 -17.08 -4.82
CA THR B 204 -24.30 -16.83 -3.84
C THR B 204 -23.95 -15.65 -2.98
N ARG B 205 -22.66 -15.50 -2.70
CA ARG B 205 -22.27 -14.25 -1.97
C ARG B 205 -22.64 -12.99 -2.73
N ALA B 206 -22.39 -13.00 -4.05
CA ALA B 206 -22.73 -11.87 -4.85
C ALA B 206 -24.22 -11.59 -4.80
N VAL B 207 -25.01 -12.65 -4.88
CA VAL B 207 -26.50 -12.46 -4.90
C VAL B 207 -26.98 -11.93 -3.53
N ALA B 208 -26.42 -12.48 -2.45
CA ALA B 208 -26.73 -12.09 -1.07
C ALA B 208 -26.48 -10.59 -0.89
N PHE B 209 -25.38 -10.13 -1.50
CA PHE B 209 -25.08 -8.70 -1.46
C PHE B 209 -26.06 -7.88 -2.31
N GLU B 210 -26.27 -8.31 -3.57
CA GLU B 210 -27.06 -7.48 -4.50
C GLU B 210 -28.54 -7.35 -4.01
N THR B 211 -29.04 -8.36 -3.37
CA THR B 211 -30.40 -8.35 -2.84
C THR B 211 -30.49 -7.56 -1.57
N GLY B 212 -29.35 -7.24 -0.94
CA GLY B 212 -29.44 -6.50 0.28
C GLY B 212 -29.51 -7.41 1.49
N ASP B 213 -29.48 -8.74 1.27
CA ASP B 213 -29.44 -9.67 2.41
C ASP B 213 -28.20 -9.45 3.31
N ILE B 214 -27.06 -9.19 2.66
CA ILE B 214 -25.90 -8.84 3.48
C ILE B 214 -25.49 -7.44 3.08
N ASP B 215 -24.61 -6.84 3.90
CA ASP B 215 -24.28 -5.42 3.72
C ASP B 215 -22.87 -5.20 3.20
N LEU B 216 -22.04 -6.22 3.38
CA LEU B 216 -20.57 -6.06 3.18
C LEU B 216 -19.96 -7.40 2.77
N LEU B 217 -19.08 -7.37 1.75
CA LEU B 217 -18.20 -8.46 1.45
C LEU B 217 -16.76 -7.96 1.50
N TYR B 218 -15.88 -8.70 2.14
CA TYR B 218 -14.47 -8.30 2.29
C TYR B 218 -13.58 -9.54 2.13
N GLY B 219 -12.65 -9.57 1.17
CA GLY B 219 -11.86 -10.84 1.10
C GLY B 219 -10.91 -10.67 -0.08
N ASN B 220 -10.30 -11.80 -0.49
CA ASN B 220 -9.30 -11.77 -1.59
C ASN B 220 -9.96 -12.01 -2.93
N GLU B 221 -9.19 -12.40 -3.93
CA GLU B 221 -9.65 -12.49 -5.29
C GLU B 221 -10.75 -13.50 -5.49
N GLY B 222 -10.93 -14.35 -4.46
CA GLY B 222 -11.99 -15.41 -4.50
C GLY B 222 -13.33 -14.89 -3.91
N LEU B 223 -13.39 -13.62 -3.54
CA LEU B 223 -14.56 -13.10 -2.76
C LEU B 223 -15.88 -13.28 -3.54
N LEU B 224 -15.87 -12.94 -4.84
CA LEU B 224 -17.08 -13.00 -5.70
C LEU B 224 -16.59 -13.08 -7.09
N PRO B 225 -17.47 -13.42 -8.01
CA PRO B 225 -16.96 -13.54 -9.36
C PRO B 225 -16.50 -12.16 -9.89
N LEU B 226 -15.39 -12.13 -10.67
CA LEU B 226 -14.77 -10.85 -10.91
C LEU B 226 -15.51 -10.05 -11.99
N ASP B 227 -16.25 -10.74 -12.89
CA ASP B 227 -17.11 -10.01 -13.81
C ASP B 227 -18.25 -9.37 -13.05
N THR B 228 -18.78 -10.06 -12.04
CA THR B 228 -19.82 -9.40 -11.26
C THR B 228 -19.24 -8.15 -10.54
N PHE B 229 -18.07 -8.33 -9.96
CA PHE B 229 -17.40 -7.24 -9.25
C PHE B 229 -17.21 -6.04 -10.16
N ALA B 230 -16.78 -6.28 -11.39
CA ALA B 230 -16.59 -5.19 -12.35
C ALA B 230 -17.93 -4.47 -12.64
N ARG B 231 -19.03 -5.26 -12.80
CA ARG B 231 -20.34 -4.63 -13.01
C ARG B 231 -20.76 -3.79 -11.80
N PHE B 232 -20.52 -4.36 -10.60
CA PHE B 232 -20.87 -3.61 -9.37
C PHE B 232 -20.12 -2.27 -9.32
N SER B 233 -18.85 -2.30 -9.74
CA SER B 233 -18.04 -1.03 -9.69
C SER B 233 -18.57 0.02 -10.60
N GLN B 234 -19.43 -0.33 -11.55
CA GLN B 234 -20.01 0.70 -12.43
C GLN B 234 -21.39 1.22 -11.99
N ASN B 235 -21.88 0.82 -10.83
CA ASN B 235 -23.24 1.13 -10.49
C ASN B 235 -23.29 1.79 -9.14
N PRO B 236 -23.71 3.07 -9.06
CA PRO B 236 -23.68 3.80 -7.77
C PRO B 236 -24.61 3.24 -6.75
N ALA B 237 -25.50 2.31 -7.20
CA ALA B 237 -26.28 1.66 -6.10
C ALA B 237 -25.38 0.89 -5.12
N TYR B 238 -24.17 0.54 -5.58
CA TYR B 238 -23.26 -0.26 -4.74
C TYR B 238 -21.96 0.53 -4.56
N HIS B 239 -21.07 -0.02 -3.72
CA HIS B 239 -19.73 0.60 -3.57
C HIS B 239 -18.71 -0.55 -3.69
N THR B 240 -17.65 -0.32 -4.45
CA THR B 240 -16.62 -1.36 -4.51
C THR B 240 -15.27 -0.74 -4.22
N GLN B 241 -14.35 -1.64 -3.81
CA GLN B 241 -12.94 -1.16 -3.63
C GLN B 241 -11.99 -2.31 -4.05
N LEU B 242 -10.77 -1.95 -4.46
CA LEU B 242 -9.70 -2.92 -4.67
C LEU B 242 -8.40 -2.35 -4.10
N SER B 243 -7.77 -3.07 -3.16
CA SER B 243 -6.57 -2.50 -2.50
C SER B 243 -5.39 -2.60 -3.44
N GLN B 244 -4.28 -2.03 -2.99
CA GLN B 244 -3.03 -2.30 -3.68
CA GLN B 244 -3.06 -2.36 -3.67
C GLN B 244 -2.69 -3.81 -3.40
N PRO B 245 -1.83 -4.38 -4.23
CA PRO B 245 -1.67 -5.83 -4.00
C PRO B 245 -1.14 -6.24 -2.64
N ILE B 246 -1.57 -7.41 -2.18
CA ILE B 246 -1.19 -7.86 -0.79
C ILE B 246 -0.28 -9.09 -0.81
N GLU B 247 -0.30 -9.92 -1.87
CA GLU B 247 0.43 -11.24 -1.83
C GLU B 247 0.42 -11.86 -3.24
N THR B 248 1.22 -12.89 -3.45
CA THR B 248 1.35 -13.46 -4.77
C THR B 248 0.52 -14.74 -4.83
N VAL B 249 -0.09 -14.98 -6.02
CA VAL B 249 -0.65 -16.33 -6.31
C VAL B 249 0.24 -16.92 -7.38
N MET B 250 0.48 -18.22 -7.29
CA MET B 250 1.57 -18.79 -8.15
CA MET B 250 1.45 -18.80 -8.22
C MET B 250 1.07 -20.22 -8.60
N LEU B 251 1.94 -20.99 -9.20
CA LEU B 251 1.96 -22.45 -9.02
C LEU B 251 3.22 -22.81 -8.31
N ALA B 252 3.17 -23.92 -7.60
CA ALA B 252 4.42 -24.57 -7.06
C ALA B 252 4.69 -25.77 -7.93
N LEU B 253 5.95 -25.89 -8.42
CA LEU B 253 6.31 -27.02 -9.32
C LEU B 253 7.12 -28.07 -8.52
N ASN B 254 6.84 -29.39 -8.67
CA ASN B 254 7.53 -30.32 -7.81
C ASN B 254 8.92 -30.72 -8.44
N THR B 255 9.97 -30.23 -7.84
CA THR B 255 11.29 -30.49 -8.39
C THR B 255 11.77 -31.90 -8.07
N ALA B 256 10.94 -32.63 -7.30
CA ALA B 256 11.27 -34.06 -6.97
C ALA B 256 10.37 -35.05 -7.70
N LYS B 257 9.63 -34.60 -8.69
CA LYS B 257 8.69 -35.51 -9.41
C LYS B 257 8.85 -35.34 -10.90
N ALA B 258 9.10 -36.41 -11.66
CA ALA B 258 9.15 -36.30 -13.11
C ALA B 258 7.84 -35.77 -13.70
N PRO B 259 7.87 -34.88 -14.69
CA PRO B 259 9.02 -34.28 -15.42
C PRO B 259 9.41 -32.87 -14.90
N THR B 260 8.68 -32.40 -13.91
CA THR B 260 9.01 -31.11 -13.27
C THR B 260 10.29 -31.18 -12.48
N ASN B 261 10.85 -32.36 -12.31
CA ASN B 261 12.17 -32.41 -11.74
C ASN B 261 13.24 -31.86 -12.62
N GLU B 262 12.99 -31.70 -13.88
CA GLU B 262 14.01 -31.11 -14.76
C GLU B 262 13.94 -29.61 -14.74
N LEU B 263 15.06 -28.96 -14.38
CA LEU B 263 15.08 -27.48 -14.54
C LEU B 263 14.60 -26.94 -15.84
N ALA B 264 14.98 -27.54 -17.00
CA ALA B 264 14.60 -26.96 -18.31
C ALA B 264 13.11 -27.03 -18.49
N VAL B 265 12.50 -28.07 -17.93
CA VAL B 265 11.01 -28.15 -17.95
C VAL B 265 10.37 -26.98 -17.15
N ARG B 266 10.89 -26.80 -15.95
CA ARG B 266 10.35 -25.71 -15.09
C ARG B 266 10.57 -24.35 -15.73
N GLU B 267 11.74 -24.13 -16.34
CA GLU B 267 12.00 -22.89 -17.04
C GLU B 267 11.03 -22.66 -18.19
N ALA B 268 10.79 -23.72 -18.98
CA ALA B 268 9.93 -23.61 -20.12
C ALA B 268 8.50 -23.31 -19.64
N LEU B 269 8.08 -23.99 -18.58
CA LEU B 269 6.72 -23.70 -18.05
C LEU B 269 6.62 -22.21 -17.68
N ASN B 270 7.69 -21.68 -17.12
CA ASN B 270 7.68 -20.25 -16.74
C ASN B 270 7.66 -19.22 -17.89
N TYR B 271 7.86 -19.71 -19.14
CA TYR B 271 7.70 -18.85 -20.27
C TYR B 271 6.39 -19.16 -20.99
N ALA B 272 5.73 -20.26 -20.59
CA ALA B 272 4.52 -20.73 -21.32
C ALA B 272 3.21 -19.95 -21.13
N VAL B 273 2.97 -19.39 -19.96
CA VAL B 273 1.65 -18.86 -19.68
C VAL B 273 1.57 -17.38 -20.09
N ASN B 274 0.52 -17.05 -20.83
CA ASN B 274 0.30 -15.63 -21.15
C ASN B 274 -0.45 -15.00 -19.96
N LYS B 275 0.32 -14.46 -19.01
CA LYS B 275 -0.26 -14.03 -17.75
C LYS B 275 -1.15 -12.77 -17.92
N LYS B 276 -0.72 -11.90 -18.83
CA LYS B 276 -1.45 -10.67 -19.14
C LYS B 276 -2.87 -11.07 -19.60
N SER B 277 -2.95 -12.01 -20.56
CA SER B 277 -4.25 -12.53 -21.02
C SER B 277 -5.02 -13.31 -19.93
N LEU B 278 -4.34 -14.09 -19.11
CA LEU B 278 -5.00 -14.93 -18.15
C LEU B 278 -5.76 -14.14 -17.17
N ILE B 279 -5.19 -13.00 -16.84
CA ILE B 279 -5.74 -12.21 -15.81
C ILE B 279 -7.02 -11.67 -16.39
N ASP B 280 -7.01 -11.41 -17.67
CA ASP B 280 -8.22 -10.86 -18.28
C ASP B 280 -9.43 -11.74 -18.35
N ASN B 281 -9.11 -13.00 -18.48
CA ASN B 281 -9.99 -14.05 -18.75
C ASN B 281 -10.47 -14.73 -17.52
N ALA B 282 -9.58 -15.02 -16.62
CA ALA B 282 -9.97 -15.61 -15.37
C ALA B 282 -10.34 -14.59 -14.27
N LEU B 283 -9.79 -13.38 -14.36
CA LEU B 283 -9.74 -12.35 -13.28
C LEU B 283 -10.28 -11.02 -13.73
N TYR B 284 -11.04 -11.19 -14.83
CA TYR B 284 -11.70 -10.11 -15.52
C TYR B 284 -10.80 -8.91 -15.57
N GLY B 285 -9.48 -9.13 -15.60
CA GLY B 285 -8.65 -7.90 -15.58
C GLY B 285 -8.25 -7.10 -14.39
N THR B 286 -8.51 -7.54 -13.12
CA THR B 286 -8.44 -6.84 -11.83
C THR B 286 -7.22 -7.04 -10.96
N GLN B 287 -6.26 -7.82 -11.42
CA GLN B 287 -5.10 -8.12 -10.59
C GLN B 287 -3.86 -7.74 -11.39
N GLN B 288 -2.67 -7.89 -10.81
CA GLN B 288 -1.46 -7.55 -11.56
C GLN B 288 -0.62 -8.75 -11.91
N VAL B 289 0.06 -8.69 -13.07
CA VAL B 289 0.95 -9.84 -13.41
C VAL B 289 2.14 -9.96 -12.44
N ALA B 290 2.42 -11.22 -12.00
CA ALA B 290 3.60 -11.50 -11.14
C ALA B 290 4.75 -12.12 -11.96
N ASP B 291 6.01 -11.66 -11.73
CA ASP B 291 7.17 -12.22 -12.37
C ASP B 291 8.01 -12.96 -11.36
N THR B 292 7.81 -12.67 -10.08
CA THR B 292 8.71 -13.23 -9.05
C THR B 292 7.88 -13.64 -7.82
N LEU B 293 8.44 -14.57 -7.04
CA LEU B 293 7.73 -15.09 -5.86
C LEU B 293 7.17 -13.97 -5.00
N PHE B 294 8.05 -13.00 -4.66
CA PHE B 294 7.59 -11.80 -3.97
C PHE B 294 7.66 -10.58 -4.88
N ALA B 295 6.63 -9.77 -4.82
CA ALA B 295 6.69 -8.50 -5.56
C ALA B 295 7.93 -7.66 -5.11
N PRO B 296 8.46 -6.85 -6.01
CA PRO B 296 9.66 -6.03 -5.67
C PRO B 296 9.36 -5.05 -4.59
N SER B 297 8.09 -4.75 -4.26
CA SER B 297 7.79 -3.87 -3.18
C SER B 297 7.82 -4.55 -1.79
N VAL B 298 8.01 -5.86 -1.71
CA VAL B 298 8.07 -6.60 -0.48
C VAL B 298 9.44 -6.32 0.19
N PRO B 299 9.47 -6.24 1.52
CA PRO B 299 10.76 -6.10 2.21
C PRO B 299 11.79 -7.11 1.79
N TYR B 300 13.01 -6.64 1.63
CA TYR B 300 14.13 -7.49 1.23
C TYR B 300 13.86 -8.28 -0.05
N ALA B 301 13.05 -7.73 -0.96
CA ALA B 301 12.85 -8.43 -2.24
C ALA B 301 13.04 -7.65 -3.52
N ASN B 302 13.57 -6.43 -3.41
CA ASN B 302 13.79 -5.64 -4.63
C ASN B 302 15.18 -5.98 -5.10
N LEU B 303 15.31 -7.09 -5.84
CA LEU B 303 16.62 -7.68 -6.14
C LEU B 303 16.99 -7.60 -7.58
N GLY B 304 16.12 -7.03 -8.42
CA GLY B 304 16.40 -6.98 -9.86
C GLY B 304 16.40 -8.37 -10.52
N LEU B 305 15.60 -9.28 -9.98
CA LEU B 305 15.48 -10.60 -10.63
C LEU B 305 14.89 -10.47 -12.02
N LYS B 306 15.38 -11.32 -12.90
CA LYS B 306 14.97 -11.19 -14.26
C LYS B 306 13.68 -11.97 -14.51
N PRO B 307 12.67 -11.31 -15.07
CA PRO B 307 11.33 -11.95 -15.36
C PRO B 307 11.43 -12.95 -16.48
N SER B 308 10.62 -14.02 -16.45
CA SER B 308 10.33 -14.84 -17.66
C SER B 308 8.98 -14.41 -18.20
N GLN B 309 9.05 -13.69 -19.29
CA GLN B 309 7.88 -13.19 -19.94
C GLN B 309 7.13 -14.33 -20.71
N TYR B 310 6.03 -14.03 -21.30
CA TYR B 310 5.43 -15.01 -22.15
C TYR B 310 6.18 -15.06 -23.47
N ASP B 311 6.73 -16.23 -23.79
CA ASP B 311 7.39 -16.44 -25.06
C ASP B 311 7.42 -17.93 -25.37
N PRO B 312 6.39 -18.42 -26.05
CA PRO B 312 6.27 -19.85 -26.28
C PRO B 312 7.48 -20.37 -27.10
N GLN B 313 8.01 -19.56 -27.97
CA GLN B 313 9.12 -20.08 -28.81
C GLN B 313 10.38 -20.31 -27.96
N LYS B 314 10.69 -19.44 -26.98
CA LYS B 314 11.81 -19.67 -26.06
C LYS B 314 11.50 -20.91 -25.22
N ALA B 315 10.23 -21.07 -24.80
CA ALA B 315 9.91 -22.36 -24.05
C ALA B 315 10.16 -23.64 -24.85
N LYS B 316 9.70 -23.63 -26.09
CA LYS B 316 9.87 -24.77 -26.98
C LYS B 316 11.38 -25.02 -27.17
N ALA B 317 12.16 -23.93 -27.36
CA ALA B 317 13.64 -24.11 -27.50
C ALA B 317 14.34 -24.72 -26.28
N LEU B 318 13.92 -24.35 -25.05
CA LEU B 318 14.48 -24.88 -23.85
C LEU B 318 14.13 -26.36 -23.76
N LEU B 319 12.89 -26.72 -24.12
CA LEU B 319 12.51 -28.13 -24.04
C LEU B 319 13.28 -28.92 -25.10
N GLU B 320 13.39 -28.41 -26.32
CA GLU B 320 14.13 -29.19 -27.36
C GLU B 320 15.60 -29.43 -26.92
N LYS B 321 16.23 -28.41 -26.35
CA LYS B 321 17.63 -28.51 -25.97
C LYS B 321 17.73 -29.54 -24.90
N ALA B 322 16.66 -29.72 -24.10
CA ALA B 322 16.70 -30.66 -22.97
C ALA B 322 16.33 -32.09 -23.37
N GLY B 323 16.06 -32.27 -24.65
CA GLY B 323 15.69 -33.62 -25.20
C GLY B 323 14.20 -33.90 -25.22
N TRP B 324 13.38 -32.89 -24.91
CA TRP B 324 11.91 -33.04 -25.00
C TRP B 324 11.45 -32.70 -26.38
N THR B 325 11.21 -33.76 -27.20
CA THR B 325 11.02 -33.51 -28.59
C THR B 325 9.67 -34.04 -29.07
N LEU B 326 9.12 -33.45 -30.15
CA LEU B 326 7.82 -33.92 -30.69
C LEU B 326 8.02 -35.06 -31.68
N PRO B 327 7.50 -36.27 -31.38
CA PRO B 327 7.47 -37.27 -32.48
C PRO B 327 6.57 -36.82 -33.64
N ALA B 328 6.80 -37.32 -34.87
CA ALA B 328 5.85 -36.98 -35.98
C ALA B 328 4.51 -37.67 -35.73
N GLY B 329 3.36 -37.05 -36.03
CA GLY B 329 3.16 -35.62 -36.17
C GLY B 329 2.28 -35.39 -34.94
N LYS B 330 2.88 -35.64 -33.75
CA LYS B 330 2.22 -35.55 -32.43
C LYS B 330 2.39 -34.18 -31.84
N ASP B 331 1.55 -33.86 -30.85
CA ASP B 331 1.52 -32.52 -30.35
C ASP B 331 2.15 -32.40 -28.95
N ILE B 332 2.34 -33.55 -28.31
CA ILE B 332 2.95 -33.65 -26.99
C ILE B 332 4.37 -34.24 -27.02
N ARG B 333 5.30 -33.50 -26.43
CA ARG B 333 6.72 -33.93 -26.42
C ARG B 333 6.97 -35.17 -25.61
N GLU B 334 8.08 -35.83 -25.93
CA GLU B 334 8.54 -37.06 -25.30
C GLU B 334 10.02 -37.09 -25.08
N LYS B 335 10.46 -37.80 -24.03
CA LYS B 335 11.89 -38.01 -23.74
C LYS B 335 12.14 -39.33 -23.01
N ASN B 336 13.06 -40.15 -23.55
CA ASN B 336 13.38 -41.44 -22.95
C ASN B 336 12.12 -42.27 -22.73
N GLY B 337 11.26 -42.27 -23.75
CA GLY B 337 10.02 -43.00 -23.74
C GLY B 337 8.82 -42.35 -23.06
N GLN B 338 9.03 -41.27 -22.27
CA GLN B 338 7.96 -40.66 -21.41
C GLN B 338 7.31 -39.43 -22.05
N PRO B 339 5.98 -39.24 -21.92
CA PRO B 339 5.30 -38.02 -22.44
C PRO B 339 5.53 -36.87 -21.46
N LEU B 340 5.49 -35.64 -21.98
CA LEU B 340 5.68 -34.47 -21.11
C LEU B 340 4.27 -34.24 -20.55
N ARG B 341 3.87 -35.08 -19.60
CA ARG B 341 2.55 -34.95 -19.00
C ARG B 341 2.74 -34.53 -17.58
N ILE B 342 2.02 -33.51 -17.13
CA ILE B 342 2.27 -32.94 -15.79
C ILE B 342 0.88 -32.79 -15.12
N GLU B 343 0.74 -33.34 -13.95
CA GLU B 343 -0.57 -33.27 -13.23
C GLU B 343 -0.70 -31.95 -12.46
N LEU B 344 -1.79 -31.22 -12.66
CA LEU B 344 -2.08 -30.02 -11.93
C LEU B 344 -3.27 -30.38 -11.03
N SER B 345 -3.04 -30.49 -9.73
CA SER B 345 -4.11 -30.83 -8.80
C SER B 345 -4.68 -29.57 -8.18
N PHE B 346 -6.00 -29.49 -8.04
CA PHE B 346 -6.58 -28.27 -7.52
C PHE B 346 -7.90 -28.74 -6.85
N ILE B 347 -8.46 -27.85 -6.04
CA ILE B 347 -9.74 -28.09 -5.34
C ILE B 347 -10.81 -27.94 -6.40
N GLY B 348 -11.54 -29.06 -6.70
CA GLY B 348 -12.27 -29.17 -7.98
C GLY B 348 -13.46 -28.22 -8.10
N THR B 349 -14.03 -27.91 -6.95
CA THR B 349 -15.18 -26.99 -6.85
C THR B 349 -14.81 -25.54 -6.58
N ASP B 350 -13.53 -25.22 -6.54
CA ASP B 350 -13.10 -23.81 -6.57
C ASP B 350 -13.16 -23.34 -8.04
N ALA B 351 -14.17 -22.54 -8.42
CA ALA B 351 -14.41 -22.18 -9.80
C ALA B 351 -13.23 -21.37 -10.36
N LEU B 352 -12.65 -20.52 -9.51
CA LEU B 352 -11.54 -19.70 -9.96
C LEU B 352 -10.31 -20.53 -10.27
N SER B 353 -9.96 -21.49 -9.38
CA SER B 353 -8.84 -22.46 -9.62
C SER B 353 -9.08 -23.23 -10.92
N LYS B 354 -10.32 -23.72 -11.07
CA LYS B 354 -10.68 -24.45 -12.25
C LYS B 354 -10.50 -23.60 -13.49
N SER B 355 -10.99 -22.35 -13.45
CA SER B 355 -10.88 -21.50 -14.58
C SER B 355 -9.42 -21.22 -14.95
N MET B 356 -8.64 -20.90 -13.92
CA MET B 356 -7.18 -20.68 -14.22
C MET B 356 -6.51 -21.94 -14.71
N ALA B 357 -6.86 -23.09 -14.13
CA ALA B 357 -6.20 -24.37 -14.53
C ALA B 357 -6.49 -24.68 -16.02
N GLU B 358 -7.73 -24.40 -16.44
CA GLU B 358 -8.01 -24.55 -17.86
C GLU B 358 -7.17 -23.72 -18.78
N ILE B 359 -7.03 -22.44 -18.43
CA ILE B 359 -6.23 -21.52 -19.21
C ILE B 359 -4.75 -21.97 -19.21
N ILE B 360 -4.24 -22.33 -18.04
CA ILE B 360 -2.86 -22.86 -17.94
C ILE B 360 -2.62 -24.11 -18.83
N GLN B 361 -3.56 -25.04 -18.79
CA GLN B 361 -3.50 -26.21 -19.60
C GLN B 361 -3.41 -25.75 -21.07
N ALA B 362 -4.29 -24.82 -21.52
CA ALA B 362 -4.35 -24.49 -22.94
C ALA B 362 -3.03 -23.82 -23.31
N ASP B 363 -2.51 -22.98 -22.42
CA ASP B 363 -1.22 -22.36 -22.80
C ASP B 363 -0.09 -23.37 -22.84
N MET B 364 -0.03 -24.29 -21.88
CA MET B 364 1.05 -25.25 -21.86
C MET B 364 0.93 -26.24 -22.99
N ARG B 365 -0.29 -26.49 -23.48
CA ARG B 365 -0.41 -27.39 -24.64
C ARG B 365 0.33 -26.79 -25.86
N GLN B 366 0.36 -25.46 -25.98
CA GLN B 366 0.95 -24.78 -27.14
C GLN B 366 2.48 -25.00 -27.18
N ILE B 367 3.08 -25.44 -26.09
CA ILE B 367 4.53 -25.73 -26.08
C ILE B 367 4.77 -27.20 -26.01
N GLY B 368 3.69 -27.99 -26.15
CA GLY B 368 3.80 -29.42 -26.18
C GLY B 368 3.82 -30.14 -24.83
N ALA B 369 3.33 -29.47 -23.76
CA ALA B 369 3.21 -30.13 -22.47
C ALA B 369 1.72 -30.41 -22.25
N ASP B 370 1.45 -31.62 -21.79
CA ASP B 370 0.02 -32.07 -21.54
C ASP B 370 -0.22 -31.97 -20.02
N VAL B 371 -0.95 -30.94 -19.63
CA VAL B 371 -1.31 -30.75 -18.20
C VAL B 371 -2.59 -31.54 -17.96
N SER B 372 -2.55 -32.45 -17.00
CA SER B 372 -3.75 -33.20 -16.60
C SER B 372 -4.44 -32.41 -15.51
N LEU B 373 -5.72 -32.13 -15.63
CA LEU B 373 -6.45 -31.36 -14.61
C LEU B 373 -6.98 -32.33 -13.59
N ILE B 374 -6.44 -32.33 -12.38
CA ILE B 374 -6.87 -33.28 -11.39
C ILE B 374 -7.63 -32.48 -10.34
N GLY B 375 -8.96 -32.41 -10.49
CA GLY B 375 -9.80 -31.62 -9.52
C GLY B 375 -10.22 -32.56 -8.41
N GLU B 376 -9.90 -32.25 -7.15
CA GLU B 376 -10.30 -33.12 -6.04
C GLU B 376 -10.91 -32.39 -4.87
N GLU B 377 -11.34 -33.12 -3.85
CA GLU B 377 -11.82 -32.42 -2.71
C GLU B 377 -10.62 -31.82 -1.96
N GLU B 378 -10.92 -30.76 -1.20
CA GLU B 378 -9.94 -30.10 -0.33
C GLU B 378 -9.10 -31.04 0.51
N SER B 379 -9.71 -32.06 1.10
CA SER B 379 -8.93 -32.90 2.05
C SER B 379 -7.89 -33.72 1.30
N SER B 380 -8.24 -34.15 0.08
CA SER B 380 -7.33 -34.81 -0.82
C SER B 380 -6.16 -33.90 -1.31
N ILE B 381 -6.46 -32.63 -1.54
CA ILE B 381 -5.40 -31.70 -2.04
C ILE B 381 -4.44 -31.45 -0.83
N TYR B 382 -5.03 -31.27 0.35
CA TYR B 382 -4.19 -31.11 1.56
C TYR B 382 -3.19 -32.25 1.76
N ALA B 383 -3.69 -33.47 1.60
CA ALA B 383 -2.90 -34.64 1.83
C ALA B 383 -1.81 -34.71 0.73
N ARG B 384 -2.19 -34.35 -0.50
CA ARG B 384 -1.16 -34.33 -1.56
C ARG B 384 -0.02 -33.35 -1.20
N GLN B 385 -0.39 -32.17 -0.75
CA GLN B 385 0.61 -31.12 -0.41
C GLN B 385 1.56 -31.61 0.67
N ARG B 386 1.02 -32.25 1.72
CA ARG B 386 1.89 -32.78 2.80
C ARG B 386 2.79 -33.87 2.35
N ASP B 387 2.28 -34.72 1.42
CA ASP B 387 2.97 -35.93 1.01
C ASP B 387 3.92 -35.71 -0.16
N GLY B 388 3.85 -34.55 -0.81
CA GLY B 388 4.55 -34.30 -2.06
C GLY B 388 3.96 -35.06 -3.25
N ARG B 389 2.69 -35.50 -3.14
CA ARG B 389 2.10 -36.27 -4.27
C ARG B 389 1.42 -35.26 -5.20
N PHE B 390 2.24 -34.44 -5.87
CA PHE B 390 1.68 -33.52 -6.87
C PHE B 390 2.77 -33.20 -7.91
N GLY B 391 2.34 -32.76 -9.11
CA GLY B 391 3.32 -32.25 -10.12
C GLY B 391 3.24 -30.73 -10.03
N MET B 392 2.04 -30.15 -10.18
CA MET B 392 1.91 -28.62 -10.00
C MET B 392 0.70 -28.42 -9.14
N ILE B 393 0.78 -27.41 -8.24
CA ILE B 393 -0.42 -27.08 -7.37
C ILE B 393 -0.57 -25.58 -7.38
N PHE B 394 -1.76 -25.05 -7.18
CA PHE B 394 -1.85 -23.59 -6.88
C PHE B 394 -1.37 -23.31 -5.49
N HIS B 395 -0.72 -22.12 -5.34
CA HIS B 395 -0.18 -21.79 -4.03
C HIS B 395 -0.24 -20.25 -3.91
N ARG B 396 0.08 -19.71 -2.72
CA ARG B 396 0.05 -18.26 -2.61
C ARG B 396 0.95 -17.88 -1.44
N THR B 397 1.45 -16.63 -1.41
CA THR B 397 2.21 -16.17 -0.24
C THR B 397 1.20 -15.64 0.75
N TRP B 398 1.68 -15.03 1.83
CA TRP B 398 0.79 -14.94 3.02
C TRP B 398 0.41 -13.47 3.37
N GLY B 399 1.05 -12.53 2.68
CA GLY B 399 0.82 -11.08 2.90
C GLY B 399 1.54 -10.56 4.15
N ALA B 400 1.39 -9.27 4.42
CA ALA B 400 2.04 -8.70 5.64
C ALA B 400 1.37 -9.23 6.89
N PRO B 401 2.16 -9.46 7.95
CA PRO B 401 3.61 -9.25 8.15
C PRO B 401 4.44 -10.53 7.88
N TYR B 402 3.80 -11.54 7.26
CA TYR B 402 4.47 -12.80 7.02
C TYR B 402 5.41 -12.78 5.88
N ASP B 403 5.22 -11.87 4.90
CA ASP B 403 6.05 -11.93 3.66
C ASP B 403 7.24 -10.94 3.83
N PRO B 404 8.49 -11.42 3.64
CA PRO B 404 8.88 -12.75 3.19
C PRO B 404 9.31 -13.65 4.36
N HIS B 405 9.59 -13.09 5.53
CA HIS B 405 10.43 -13.92 6.48
C HIS B 405 9.68 -15.18 6.97
N ALA B 406 8.36 -15.08 7.23
CA ALA B 406 7.66 -16.26 7.80
C ALA B 406 7.33 -17.20 6.75
N PHE B 407 7.04 -16.71 5.52
CA PHE B 407 6.79 -17.63 4.40
C PHE B 407 8.07 -18.47 4.14
N LEU B 408 9.25 -17.79 4.18
CA LEU B 408 10.47 -18.53 4.00
C LEU B 408 10.69 -19.48 5.20
N SER B 409 10.48 -19.01 6.41
CA SER B 409 10.72 -19.85 7.54
C SER B 409 9.99 -21.19 7.41
N SER B 410 8.75 -21.10 6.95
CA SER B 410 7.90 -22.27 6.84
C SER B 410 8.33 -23.23 5.77
N MET B 411 9.22 -22.82 4.86
CA MET B 411 9.69 -23.71 3.82
C MET B 411 10.53 -24.88 4.38
N ARG B 412 10.89 -24.74 5.63
CA ARG B 412 11.76 -25.73 6.28
C ARG B 412 10.92 -26.83 6.90
N VAL B 413 9.60 -26.70 6.95
CA VAL B 413 8.77 -27.71 7.62
C VAL B 413 8.43 -28.87 6.69
N PRO B 414 8.72 -30.14 7.10
CA PRO B 414 8.62 -31.18 6.12
C PRO B 414 7.21 -31.49 5.58
N SER B 415 6.19 -31.21 6.36
CA SER B 415 4.89 -31.63 5.91
C SER B 415 4.24 -30.48 5.13
N HIS B 416 5.03 -29.45 4.78
CA HIS B 416 4.47 -28.34 3.98
C HIS B 416 4.75 -28.50 2.44
N ALA B 417 3.84 -28.01 1.60
CA ALA B 417 3.99 -28.09 0.16
C ALA B 417 5.30 -27.50 -0.32
N ASP B 418 5.70 -26.32 0.21
CA ASP B 418 6.95 -25.72 -0.26
C ASP B 418 8.18 -26.59 0.01
N PHE B 419 8.26 -27.17 1.20
CA PHE B 419 9.36 -28.13 1.51
C PHE B 419 9.34 -29.26 0.47
N GLN B 420 8.16 -29.85 0.26
CA GLN B 420 8.03 -30.96 -0.69
C GLN B 420 8.44 -30.56 -2.11
N ALA B 421 7.99 -29.38 -2.57
CA ALA B 421 8.22 -28.97 -3.95
C ALA B 421 9.69 -28.72 -4.14
N GLN B 422 10.37 -28.41 -3.06
CA GLN B 422 11.85 -28.08 -3.14
C GLN B 422 12.77 -29.27 -2.91
N GLN B 423 12.20 -30.46 -2.67
CA GLN B 423 13.07 -31.59 -2.26
C GLN B 423 14.04 -32.08 -3.31
N GLY B 424 13.77 -31.79 -4.59
CA GLY B 424 14.60 -32.22 -5.67
C GLY B 424 15.77 -31.30 -5.88
N LEU B 425 15.85 -30.15 -5.18
CA LEU B 425 16.99 -29.23 -5.42
C LEU B 425 18.24 -29.69 -4.63
N ALA B 426 19.38 -29.73 -5.34
CA ALA B 426 20.70 -30.07 -4.72
C ALA B 426 21.00 -29.08 -3.61
N ASP B 427 20.54 -27.83 -3.79
CA ASP B 427 20.83 -26.87 -2.76
C ASP B 427 19.73 -26.67 -1.69
N LYS B 428 18.70 -27.53 -1.64
CA LYS B 428 17.68 -27.39 -0.58
C LYS B 428 18.29 -27.35 0.84
N PRO B 429 19.27 -28.24 1.17
CA PRO B 429 19.88 -28.10 2.47
C PRO B 429 20.50 -26.72 2.73
N LEU B 430 21.25 -26.23 1.78
CA LEU B 430 21.87 -24.90 1.95
C LEU B 430 20.76 -23.80 2.12
N ILE B 431 19.69 -23.87 1.32
CA ILE B 431 18.63 -22.83 1.40
C ILE B 431 18.01 -22.86 2.79
N ASP B 432 17.74 -24.07 3.32
CA ASP B 432 17.17 -24.16 4.65
C ASP B 432 18.13 -23.70 5.76
N LYS B 433 19.44 -23.96 5.59
CA LYS B 433 20.38 -23.45 6.56
C LYS B 433 20.38 -21.93 6.51
N GLU B 434 20.39 -21.35 5.28
CA GLU B 434 20.39 -19.88 5.13
C GLU B 434 19.08 -19.21 5.67
N ILE B 435 17.93 -19.89 5.53
CA ILE B 435 16.71 -19.35 6.11
C ILE B 435 16.83 -19.31 7.62
N GLY B 436 17.38 -20.37 8.22
CA GLY B 436 17.58 -20.30 9.66
C GLY B 436 18.50 -19.13 10.04
N GLU B 437 19.55 -18.91 9.22
CA GLU B 437 20.53 -17.85 9.51
C GLU B 437 19.95 -16.46 9.39
N VAL B 438 19.12 -16.27 8.36
CA VAL B 438 18.62 -14.97 8.08
C VAL B 438 17.72 -14.47 9.22
N LEU B 439 17.03 -15.41 9.88
CA LEU B 439 16.16 -15.04 10.93
C LEU B 439 16.91 -14.63 12.19
N ALA B 440 18.13 -15.08 12.31
CA ALA B 440 18.88 -14.86 13.58
C ALA B 440 20.04 -13.93 13.44
N THR B 441 20.33 -13.41 12.26
CA THR B 441 21.59 -12.74 12.19
C THR B 441 21.42 -11.35 12.81
N HIS B 442 22.47 -10.96 13.52
CA HIS B 442 22.64 -9.64 14.12
C HIS B 442 22.92 -8.60 13.01
N ASP B 443 23.47 -9.05 11.89
CA ASP B 443 24.15 -8.20 10.93
C ASP B 443 23.18 -7.91 9.79
N GLU B 444 22.73 -6.66 9.68
CA GLU B 444 21.77 -6.26 8.67
C GLU B 444 22.32 -6.51 7.28
N THR B 445 23.60 -6.22 7.09
CA THR B 445 24.22 -6.44 5.80
C THR B 445 24.10 -7.93 5.33
N GLN B 446 24.38 -8.83 6.27
CA GLN B 446 24.35 -10.27 6.00
C GLN B 446 22.88 -10.68 5.86
N ARG B 447 22.00 -10.09 6.64
CA ARG B 447 20.52 -10.34 6.47
C ARG B 447 20.10 -10.13 4.98
N GLN B 448 20.46 -8.96 4.43
CA GLN B 448 20.08 -8.68 3.03
C GLN B 448 20.75 -9.64 2.05
N ALA B 449 22.02 -10.00 2.32
CA ALA B 449 22.72 -10.90 1.44
C ALA B 449 22.10 -12.31 1.45
N LEU B 450 21.66 -12.72 2.62
CA LEU B 450 21.05 -14.06 2.69
C LEU B 450 19.66 -14.04 2.02
N TYR B 451 18.88 -12.97 2.20
CA TYR B 451 17.56 -12.96 1.50
C TYR B 451 17.86 -12.94 0.00
N ARG B 452 18.87 -12.16 -0.45
CA ARG B 452 19.15 -12.17 -1.87
C ARG B 452 19.49 -13.56 -2.33
N ASP B 453 20.41 -14.27 -1.61
CA ASP B 453 20.75 -15.64 -2.03
C ASP B 453 19.57 -16.63 -2.04
N ILE B 454 18.76 -16.62 -1.00
CA ILE B 454 17.59 -17.54 -0.93
C ILE B 454 16.63 -17.24 -2.06
N LEU B 455 16.25 -15.97 -2.23
CA LEU B 455 15.24 -15.63 -3.24
C LEU B 455 15.79 -15.81 -4.67
N THR B 456 17.08 -15.54 -4.85
CA THR B 456 17.60 -15.70 -6.20
C THR B 456 17.73 -17.18 -6.55
N ARG B 457 18.17 -18.02 -5.61
CA ARG B 457 18.16 -19.49 -5.88
C ARG B 457 16.75 -20.00 -6.22
N LEU B 458 15.77 -19.62 -5.41
CA LEU B 458 14.39 -20.09 -5.72
C LEU B 458 13.87 -19.61 -7.05
N HIS B 459 14.21 -18.35 -7.40
CA HIS B 459 13.92 -17.84 -8.74
C HIS B 459 14.64 -18.56 -9.86
N ASP B 460 15.98 -18.71 -9.73
CA ASP B 460 16.72 -19.31 -10.87
C ASP B 460 16.36 -20.81 -11.02
N GLU B 461 15.99 -21.46 -9.96
CA GLU B 461 15.71 -22.93 -9.98
CA GLU B 461 15.69 -22.88 -10.03
C GLU B 461 14.21 -23.13 -10.42
N ALA B 462 13.56 -22.01 -10.67
CA ALA B 462 12.17 -22.07 -11.17
C ALA B 462 11.28 -22.98 -10.33
N VAL B 463 11.32 -22.85 -9.04
CA VAL B 463 10.53 -23.66 -8.15
C VAL B 463 9.03 -23.23 -8.27
N TYR B 464 8.82 -21.95 -8.55
CA TYR B 464 7.46 -21.41 -8.65
C TYR B 464 7.19 -20.97 -10.04
N LEU B 465 5.90 -20.81 -10.35
CA LEU B 465 5.48 -20.09 -11.56
C LEU B 465 4.53 -18.97 -11.06
N PRO B 466 5.07 -17.76 -10.85
CA PRO B 466 4.26 -16.66 -10.33
C PRO B 466 3.22 -16.24 -11.35
N ILE B 467 2.01 -16.07 -10.86
CA ILE B 467 0.94 -15.74 -11.81
C ILE B 467 0.55 -14.32 -11.58
N SER B 468 0.14 -13.99 -10.37
CA SER B 468 -0.47 -12.70 -10.15
CA SER B 468 -0.20 -12.58 -10.26
C SER B 468 -0.10 -11.99 -8.82
N TYR B 469 -0.07 -10.67 -8.62
CA TYR B 469 -0.16 -10.16 -7.27
C TYR B 469 -1.59 -9.75 -7.12
N ILE B 470 -2.20 -10.28 -6.09
CA ILE B 470 -3.64 -10.10 -5.92
C ILE B 470 -3.91 -9.10 -4.81
N SER B 471 -5.13 -8.48 -4.92
CA SER B 471 -5.53 -7.49 -3.93
C SER B 471 -6.64 -7.93 -3.04
N MET B 472 -6.84 -7.17 -1.96
CA MET B 472 -8.10 -7.33 -1.20
C MET B 472 -9.19 -6.59 -1.91
N MET B 473 -10.41 -7.09 -1.78
CA MET B 473 -11.54 -6.52 -2.51
C MET B 473 -12.70 -6.29 -1.55
N VAL B 474 -13.52 -5.29 -1.83
CA VAL B 474 -14.61 -5.01 -0.91
C VAL B 474 -15.82 -4.68 -1.77
N VAL B 475 -17.01 -5.16 -1.33
CA VAL B 475 -18.28 -4.71 -1.94
C VAL B 475 -19.11 -4.32 -0.73
N SER B 476 -19.71 -3.12 -0.76
CA SER B 476 -20.45 -2.67 0.46
C SER B 476 -21.62 -1.77 0.07
N LYS B 477 -22.61 -1.69 0.96
CA LYS B 477 -23.69 -0.78 0.74
C LYS B 477 -23.12 0.62 0.90
N PRO B 478 -23.47 1.52 0.00
CA PRO B 478 -22.90 2.86 0.10
C PRO B 478 -23.06 3.52 1.45
N GLU B 479 -24.12 3.25 2.21
CA GLU B 479 -24.21 3.87 3.56
C GLU B 479 -23.07 3.56 4.56
N LEU B 480 -22.33 2.45 4.34
CA LEU B 480 -21.23 2.13 5.19
C LEU B 480 -19.97 2.96 4.97
N GLY B 481 -19.93 3.66 3.84
CA GLY B 481 -18.83 4.59 3.53
C GLY B 481 -17.61 3.84 2.99
N ASN B 482 -16.48 4.54 2.97
CA ASN B 482 -15.23 3.90 2.59
C ASN B 482 -14.83 2.87 3.67
N ILE B 483 -14.44 1.69 3.22
CA ILE B 483 -14.09 0.61 4.14
C ILE B 483 -12.58 0.49 4.25
N PRO B 484 -12.06 0.55 5.45
CA PRO B 484 -10.57 0.58 5.57
C PRO B 484 -9.98 -0.81 5.51
N TYR B 485 -8.65 -0.89 5.26
CA TYR B 485 -7.98 -2.16 5.28
C TYR B 485 -7.12 -2.30 6.55
N ALA B 486 -7.03 -3.50 7.07
CA ALA B 486 -6.04 -3.80 8.13
C ALA B 486 -4.58 -3.95 7.61
N PRO B 487 -3.60 -3.58 8.42
CA PRO B 487 -2.24 -3.84 8.11
C PRO B 487 -1.96 -5.34 7.91
N ILE B 488 -2.55 -6.18 8.74
CA ILE B 488 -2.36 -7.64 8.63
C ILE B 488 -3.29 -8.14 7.59
N ALA B 489 -2.75 -8.72 6.52
CA ALA B 489 -3.64 -9.19 5.41
C ALA B 489 -4.82 -10.14 5.73
N THR B 490 -4.70 -11.00 6.75
CA THR B 490 -5.73 -11.89 7.20
C THR B 490 -6.73 -11.32 8.26
N GLU B 491 -6.55 -10.05 8.62
CA GLU B 491 -7.48 -9.38 9.55
C GLU B 491 -8.45 -8.49 8.81
N ILE B 492 -9.60 -8.25 9.43
CA ILE B 492 -10.64 -7.41 8.84
C ILE B 492 -11.01 -6.32 9.88
N PRO B 493 -10.86 -5.05 9.53
CA PRO B 493 -10.81 -4.06 10.63
C PRO B 493 -12.24 -3.55 10.96
N PHE B 494 -13.07 -4.46 11.42
CA PHE B 494 -14.43 -4.06 11.66
C PHE B 494 -14.59 -2.89 12.63
N GLU B 495 -13.62 -2.73 13.52
CA GLU B 495 -13.70 -1.73 14.59
C GLU B 495 -13.45 -0.35 14.05
N GLN B 496 -13.03 -0.29 12.79
CA GLN B 496 -12.66 0.98 12.16
C GLN B 496 -13.75 1.49 11.23
N ILE B 497 -14.84 0.75 11.14
CA ILE B 497 -15.91 1.15 10.29
C ILE B 497 -16.81 2.08 11.13
N LYS B 498 -16.68 3.38 10.86
CA LYS B 498 -17.35 4.41 11.70
C LYS B 498 -18.12 5.28 10.71
N PRO B 499 -19.13 4.67 10.04
CA PRO B 499 -19.77 5.14 8.80
C PRO B 499 -20.29 6.60 8.90
FE FE2 C . 2.09 23.01 -2.77
C1 BHZ D . 0.45 23.59 -5.77
C2 BHZ D . -0.47 23.57 -6.86
C3 BHZ D . -0.33 22.55 -7.83
C4 BHZ D . 0.66 21.57 -7.75
C5 BHZ D . 1.57 21.62 -6.67
C6 BHZ D . 1.46 22.66 -5.67
O6 BHZ D . 2.43 22.63 -4.68
C7 BHZ D . 0.35 24.68 -4.75
N8 BHZ D . 0.37 24.13 -3.36
C9 BHZ D . -0.85 23.39 -3.17
C10 BHZ D . -0.78 22.42 -1.97
N11 BHZ D . 0.49 21.58 -2.06
C12 BHZ D . 0.12 20.51 -3.03
C13 BHZ D . 1.13 19.37 -2.98
C14 BHZ D . 0.77 18.13 -2.37
C15 BHZ D . 1.77 17.11 -2.33
C16 BHZ D . 3.04 17.31 -2.92
C17 BHZ D . 3.34 18.54 -3.51
C18 BHZ D . 2.40 19.58 -3.51
C19 BHZ D . 0.31 25.30 -2.37
C20 BHZ D . 1.73 25.88 -2.49
O20 BHZ D . 2.64 25.02 -2.60
C21 BHZ D . 0.70 21.10 -0.70
O21 BHZ D . 1.86 27.14 -2.41
C22 BHZ D . 1.50 22.18 0.04
O22 BHZ D . 1.96 23.07 -0.66
O23 BHZ D . 1.46 22.18 1.30
C ACT E . -1.60 13.03 28.98
O ACT E . -0.41 12.88 29.35
OXT ACT E . -1.98 14.20 28.52
CH3 ACT E . -2.52 11.85 29.20
C ACT F . -16.44 19.95 -28.47
O ACT F . -15.71 19.43 -27.63
OXT ACT F . -17.23 19.13 -28.89
CH3 ACT F . -16.38 21.39 -28.95
C ACT G . 30.41 -2.95 -5.95
O ACT G . 30.03 -2.23 -6.87
OXT ACT G . 31.51 -2.73 -5.56
CH3 ACT G . 29.64 -4.11 -5.31
C ACT H . 12.07 -1.15 10.07
O ACT H . 11.69 -2.05 9.30
OXT ACT H . 13.30 -1.13 10.30
CH3 ACT H . 11.13 -0.16 10.70
S SO4 I . 3.22 31.74 -25.16
O1 SO4 I . 1.96 31.50 -24.46
O2 SO4 I . 2.95 32.18 -26.52
O3 SO4 I . 3.98 32.76 -24.46
O4 SO4 I . 3.99 30.50 -25.20
C1 GOL J . 19.34 25.27 16.98
O1 GOL J . 20.63 24.70 16.91
C2 GOL J . 19.47 26.71 17.49
O2 GOL J . 20.42 27.41 16.71
C3 GOL J . 18.11 27.40 17.38
O3 GOL J . 17.59 27.21 16.08
CL CL K . 15.01 -3.23 -10.38
S1 DTU L . 15.26 13.88 -4.51
C1 DTU L . 13.62 13.74 -5.32
C2 DTU L . 12.38 14.16 -4.44
O2 DTU L . 11.37 13.15 -4.43
C3 DTU L . 11.62 15.36 -4.97
O3 DTU L . 10.33 15.54 -4.40
C4 DTU L . 11.43 15.35 -6.49
S4 DTU L . 12.53 14.10 -7.17
S1 DTU M . -16.54 12.09 13.21
C1 DTU M . -18.29 12.18 12.67
C2 DTU M . -19.12 11.91 13.98
O2 DTU M . -18.58 11.29 14.73
C3 DTU M . -20.47 11.19 13.89
O3 DTU M . -20.21 9.89 13.31
C4 DTU M . -21.52 11.95 13.14
S4 DTU M . -22.59 10.58 12.62
C1 GOL N . 6.25 12.27 -3.96
O1 GOL N . 6.05 12.87 -5.25
C2 GOL N . 6.62 13.25 -2.82
O2 GOL N . 5.74 14.35 -2.83
C3 GOL N . 8.01 13.88 -3.12
O3 GOL N . 9.15 12.99 -2.87
C ACT O . 9.57 23.32 -3.83
O ACT O . 8.39 23.41 -3.40
OXT ACT O . 10.40 24.09 -3.30
CH3 ACT O . 9.96 22.36 -4.91
C1 GOL P . -10.02 33.14 12.97
O1 GOL P . -10.67 32.27 12.16
C2 GOL P . -8.76 32.65 13.67
O2 GOL P . -8.04 33.76 14.08
C3 GOL P . -9.24 31.92 14.88
O3 GOL P . -10.54 32.42 15.09
FE FE2 Q . -1.97 -21.62 8.33
C1 BHZ R . -0.02 -23.49 6.13
C2 BHZ R . 1.08 -23.83 5.29
C3 BHZ R . 1.11 -23.36 3.99
C4 BHZ R . 0.12 -22.56 3.46
C5 BHZ R . -0.97 -22.15 4.33
C6 BHZ R . -1.03 -22.64 5.66
O6 BHZ R . -2.03 -22.27 6.50
C7 BHZ R . -0.01 -23.95 7.59
N8 BHZ R . -0.09 -22.82 8.53
C9 BHZ R . 1.14 -21.92 8.51
C10 BHZ R . 0.80 -20.56 9.10
N11 BHZ R . -0.44 -19.97 8.46
C12 BHZ R . -0.04 -19.33 7.11
C13 BHZ R . -1.07 -18.40 6.49
C14 BHZ R . -0.88 -17.01 6.54
C15 BHZ R . -1.84 -16.15 5.96
C16 BHZ R . -2.96 -16.67 5.33
C17 BHZ R . -3.20 -18.04 5.40
C18 BHZ R . -2.20 -18.93 5.93
C19 BHZ R . -0.21 -23.41 9.86
C20 BHZ R . -1.61 -24.00 10.02
O20 BHZ R . -2.58 -23.38 9.51
C21 BHZ R . -0.76 -18.90 9.43
O21 BHZ R . -1.71 -25.07 10.68
C22 BHZ R . -1.70 -19.60 10.49
O22 BHZ R . -2.17 -20.72 10.19
O23 BHZ R . -1.84 -18.94 11.54
CL CL S . -9.10 -15.50 8.12
S1 DTV T . -14.83 -14.95 0.99
C1 DTV T . -13.44 -15.08 -0.22
C2 DTV T . -12.37 -16.08 0.26
O2 DTV T . -11.52 -16.26 -0.89
C3 DTV T . -11.64 -15.49 1.46
O3 DTV T . -11.06 -14.16 1.19
C4 DTV T . -10.62 -16.45 2.08
S4 DTV T . -11.28 -18.03 2.79
C1 GOL U . -9.91 -22.71 6.45
O1 GOL U . -10.10 -23.19 7.74
C2 GOL U . -8.40 -22.69 6.21
O2 GOL U . -7.96 -24.02 6.31
C3 GOL U . -7.65 -21.73 7.10
O3 GOL U . -7.00 -20.75 6.26
C1 GOL V . -6.15 -12.80 1.73
O1 GOL V . -5.74 -14.02 1.13
C2 GOL V . -6.61 -13.08 3.16
O2 GOL V . -5.60 -13.77 3.86
C3 GOL V . -7.88 -13.92 3.13
O3 GOL V . -8.96 -13.12 2.69
#